data_6UD9
# 
_entry.id   6UD9 
# 
_audit_conform.dict_name       mmcif_pdbx.dic 
_audit_conform.dict_version    5.397 
_audit_conform.dict_location   http://mmcif.pdb.org/dictionaries/ascii/mmcif_pdbx.dic 
# 
loop_
_database_2.database_id 
_database_2.database_code 
_database_2.pdbx_database_accession 
_database_2.pdbx_DOI 
PDB   6UD9         pdb_00006ud9 10.2210/pdb6ud9/pdb 
WWPDB D_1000244416 ?            ?                   
# 
loop_
_pdbx_audit_revision_history.ordinal 
_pdbx_audit_revision_history.data_content_type 
_pdbx_audit_revision_history.major_revision 
_pdbx_audit_revision_history.minor_revision 
_pdbx_audit_revision_history.revision_date 
1 'Structure model' 1 0 2020-09-23 
2 'Structure model' 1 1 2020-10-14 
3 'Structure model' 1 2 2020-12-02 
4 'Structure model' 1 3 2024-10-23 
# 
_pdbx_audit_revision_details.ordinal             1 
_pdbx_audit_revision_details.revision_ordinal    1 
_pdbx_audit_revision_details.data_content_type   'Structure model' 
_pdbx_audit_revision_details.provider            repository 
_pdbx_audit_revision_details.type                'Initial release' 
_pdbx_audit_revision_details.description         ? 
_pdbx_audit_revision_details.details             ? 
# 
loop_
_pdbx_audit_revision_group.ordinal 
_pdbx_audit_revision_group.revision_ordinal 
_pdbx_audit_revision_group.data_content_type 
_pdbx_audit_revision_group.group 
1 2 'Structure model' 'Data collection'     
2 3 'Structure model' 'Database references' 
3 4 'Structure model' 'Data collection'     
4 4 'Structure model' 'Database references' 
5 4 'Structure model' 'Structure summary'   
# 
loop_
_pdbx_audit_revision_category.ordinal 
_pdbx_audit_revision_category.revision_ordinal 
_pdbx_audit_revision_category.data_content_type 
_pdbx_audit_revision_category.category 
1 2 'Structure model' reflns_shell              
2 3 'Structure model' citation                  
3 3 'Structure model' citation_author           
4 4 'Structure model' chem_comp_atom            
5 4 'Structure model' chem_comp_bond            
6 4 'Structure model' database_2                
7 4 'Structure model' pdbx_entry_details        
8 4 'Structure model' pdbx_modification_feature 
# 
loop_
_pdbx_audit_revision_item.ordinal 
_pdbx_audit_revision_item.revision_ordinal 
_pdbx_audit_revision_item.data_content_type 
_pdbx_audit_revision_item.item 
1  2 'Structure model' '_reflns_shell.percent_possible_all'           
2  3 'Structure model' '_citation.country'                            
3  3 'Structure model' '_citation.journal_abbrev'                     
4  3 'Structure model' '_citation.journal_id_ASTM'                    
5  3 'Structure model' '_citation.journal_id_CSD'                     
6  3 'Structure model' '_citation.journal_id_ISSN'                    
7  3 'Structure model' '_citation.journal_volume'                     
8  3 'Structure model' '_citation.page_first'                         
9  3 'Structure model' '_citation.page_last'                          
10 3 'Structure model' '_citation.pdbx_database_id_DOI'               
11 3 'Structure model' '_citation.pdbx_database_id_PubMed'            
12 3 'Structure model' '_citation.title'                              
13 3 'Structure model' '_citation.year'                               
14 3 'Structure model' '_citation_author.identifier_ORCID'            
15 3 'Structure model' '_citation_author.name'                        
16 4 'Structure model' '_database_2.pdbx_DOI'                         
17 4 'Structure model' '_database_2.pdbx_database_accession'          
18 4 'Structure model' '_pdbx_entry_details.has_protein_modification' 
# 
_pdbx_database_status.status_code                     REL 
_pdbx_database_status.status_code_sf                  REL 
_pdbx_database_status.status_code_mr                  ? 
_pdbx_database_status.entry_id                        6UD9 
_pdbx_database_status.recvd_initial_deposition_date   2019-09-19 
_pdbx_database_status.SG_entry                        N 
_pdbx_database_status.deposit_site                    RCSB 
_pdbx_database_status.process_site                    RCSB 
_pdbx_database_status.status_code_cs                  ? 
_pdbx_database_status.methods_development_category    ? 
_pdbx_database_status.pdb_format_compatible           Y 
_pdbx_database_status.status_code_nmr_data            ? 
# 
loop_
_audit_author.name 
_audit_author.pdbx_ordinal 
_audit_author.identifier_ORCID 
'Mulligan, V.K.'  1 0000-0001-6038-8922 
'Kang, C.S.'      2 0000-0003-0959-0783 
'Antselovich, I.' 3 0000-0002-2208-9937 
'Sawaya, M.R.'    4 0000-0003-0874-9043 
'Yeates, T.O.'    5 0000-0001-5709-9839 
'Baker, D.'       6 0000-0001-7896-6217 
# 
_citation.abstract                  ? 
_citation.abstract_id_CAS           ? 
_citation.book_id_ISBN              ? 
_citation.book_publisher            ? 
_citation.book_publisher_city       ? 
_citation.book_title                ? 
_citation.coordinate_linkage        ? 
_citation.country                   US 
_citation.database_id_Medline       ? 
_citation.details                   ? 
_citation.id                        primary 
_citation.journal_abbrev            'Protein Sci.' 
_citation.journal_id_ASTM           PRCIEI 
_citation.journal_id_CSD            0795 
_citation.journal_id_ISSN           1469-896X 
_citation.journal_full              ? 
_citation.journal_issue             ? 
_citation.journal_volume            29 
_citation.language                  ? 
_citation.page_first                2433 
_citation.page_last                 2445 
_citation.title                     'Computational design of mixed chirality peptide macrocycles with internal symmetry.' 
_citation.year                      2020 
_citation.database_id_CSD           ? 
_citation.pdbx_database_id_DOI      10.1002/pro.3974 
_citation.pdbx_database_id_PubMed   33058266 
_citation.unpublished_flag          ? 
# 
loop_
_citation_author.citation_id 
_citation_author.name 
_citation_author.ordinal 
_citation_author.identifier_ORCID 
primary 'Mulligan, V.K.'  1  0000-0001-6038-8922 
primary 'Kang, C.S.'      2  0000-0003-0959-0783 
primary 'Sawaya, M.R.'    3  ?                   
primary 'Rettie, S.'      4  ?                   
primary 'Li, X.'          5  ?                   
primary 'Antselovich, I.' 6  ?                   
primary 'Craven, T.W.'    7  ?                   
primary 'Watkins, A.M.'   8  ?                   
primary 'Labonte, J.W.'   9  ?                   
primary 'DiMaio, F.'      10 ?                   
primary 'Yeates, T.O.'    11 0000-0001-5709-9839 
primary 'Baker, D.'       12 ?                   
# 
loop_
_entity.id 
_entity.type 
_entity.src_method 
_entity.pdbx_description 
_entity.formula_weight 
_entity.pdbx_number_of_molecules 
_entity.pdbx_ec 
_entity.pdbx_mutation 
_entity.pdbx_fragment 
_entity.details 
1 polymer syn 'S2-2, Morticia' 926.087 1 ? ? ? ? 
2 water   nat water            18.015  9 ? ? ? ? 
# 
_entity_poly.entity_id                      1 
_entity_poly.type                           'polypeptide(L)' 
_entity_poly.nstd_linkage                   no 
_entity_poly.nstd_monomer                   yes 
_entity_poly.pdbx_seq_one_letter_code       'P(DLY)V(DGL)(DPR)K(DVA)E' 
_entity_poly.pdbx_seq_one_letter_code_can   PKVEPKVE 
_entity_poly.pdbx_strand_id                 A 
_entity_poly.pdbx_target_identifier         ? 
# 
_pdbx_entity_nonpoly.entity_id   2 
_pdbx_entity_nonpoly.name        water 
_pdbx_entity_nonpoly.comp_id     HOH 
# 
loop_
_entity_poly_seq.entity_id 
_entity_poly_seq.num 
_entity_poly_seq.mon_id 
_entity_poly_seq.hetero 
1 1 PRO n 
1 2 DLY n 
1 3 VAL n 
1 4 DGL n 
1 5 DPR n 
1 6 LYS n 
1 7 DVA n 
1 8 GLU n 
# 
_pdbx_entity_src_syn.entity_id              1 
_pdbx_entity_src_syn.pdbx_src_id            1 
_pdbx_entity_src_syn.pdbx_alt_source_flag   sample 
_pdbx_entity_src_syn.pdbx_beg_seq_num       ? 
_pdbx_entity_src_syn.pdbx_end_seq_num       ? 
_pdbx_entity_src_syn.organism_scientific    'synthetic construct' 
_pdbx_entity_src_syn.organism_common_name   ? 
_pdbx_entity_src_syn.ncbi_taxonomy_id       32630 
_pdbx_entity_src_syn.details                ? 
# 
loop_
_chem_comp.id 
_chem_comp.type 
_chem_comp.mon_nstd_flag 
_chem_comp.name 
_chem_comp.pdbx_synonyms 
_chem_comp.formula 
_chem_comp.formula_weight 
DGL 'D-peptide linking' . 'D-GLUTAMIC ACID' ? 'C5 H9 N O4'     147.129 
DLY 'D-peptide linking' . D-LYSINE          ? 'C6 H14 N2 O2'   146.188 
DPR 'D-peptide linking' . D-PROLINE         ? 'C5 H9 N O2'     115.130 
DVA 'D-peptide linking' . D-VALINE          ? 'C5 H11 N O2'    117.146 
GLU 'L-peptide linking' y 'GLUTAMIC ACID'   ? 'C5 H9 N O4'     147.129 
HOH non-polymer         . WATER             ? 'H2 O'           18.015  
LYS 'L-peptide linking' y LYSINE            ? 'C6 H15 N2 O2 1' 147.195 
PRO 'L-peptide linking' y PROLINE           ? 'C5 H9 N O2'     115.130 
VAL 'L-peptide linking' y VALINE            ? 'C5 H11 N O2'    117.146 
# 
loop_
_pdbx_poly_seq_scheme.asym_id 
_pdbx_poly_seq_scheme.entity_id 
_pdbx_poly_seq_scheme.seq_id 
_pdbx_poly_seq_scheme.mon_id 
_pdbx_poly_seq_scheme.ndb_seq_num 
_pdbx_poly_seq_scheme.pdb_seq_num 
_pdbx_poly_seq_scheme.auth_seq_num 
_pdbx_poly_seq_scheme.pdb_mon_id 
_pdbx_poly_seq_scheme.auth_mon_id 
_pdbx_poly_seq_scheme.pdb_strand_id 
_pdbx_poly_seq_scheme.pdb_ins_code 
_pdbx_poly_seq_scheme.hetero 
A 1 1 PRO 1 1 1 PRO PRO A . n 
A 1 2 DLY 2 2 2 DLY DLY A . n 
A 1 3 VAL 3 3 3 VAL VAL A . n 
A 1 4 DGL 4 4 4 DGL DGL A . n 
A 1 5 DPR 5 5 5 DPR DPR A . n 
A 1 6 LYS 6 6 6 LYS LYS A . n 
A 1 7 DVA 7 7 7 DVA DVA A . n 
A 1 8 GLU 8 8 8 GLU GLU A . n 
# 
loop_
_pdbx_nonpoly_scheme.asym_id 
_pdbx_nonpoly_scheme.entity_id 
_pdbx_nonpoly_scheme.mon_id 
_pdbx_nonpoly_scheme.ndb_seq_num 
_pdbx_nonpoly_scheme.pdb_seq_num 
_pdbx_nonpoly_scheme.auth_seq_num 
_pdbx_nonpoly_scheme.pdb_mon_id 
_pdbx_nonpoly_scheme.auth_mon_id 
_pdbx_nonpoly_scheme.pdb_strand_id 
_pdbx_nonpoly_scheme.pdb_ins_code 
B 2 HOH 1 101 19 HOH HOH A . 
B 2 HOH 2 102 16 HOH HOH A . 
B 2 HOH 3 103 12 HOH HOH A . 
B 2 HOH 4 104 11 HOH HOH A . 
B 2 HOH 5 105 17 HOH HOH A . 
B 2 HOH 6 106 13 HOH HOH A . 
B 2 HOH 7 107 14 HOH HOH A . 
B 2 HOH 8 108 15 HOH HOH A . 
B 2 HOH 9 109 18 HOH HOH A . 
# 
loop_
_software.citation_id 
_software.classification 
_software.compiler_name 
_software.compiler_version 
_software.contact_author 
_software.contact_author_email 
_software.date 
_software.description 
_software.dependencies 
_software.hardware 
_software.language 
_software.location 
_software.mods 
_software.name 
_software.os 
_software.os_version 
_software.type 
_software.version 
_software.pdbx_ordinal 
? 'data reduction'  ? ? ? ? ? ? ? ? ? ? ? XDS         ? ? ? 20180126 1 
? 'data scaling'    ? ? ? ? ? ? ? ? ? ? ? XSCALE      ? ? ? 20180126 2 
? refinement        ? ? ? ? ? ? ? ? ? ? ? PHENIX      ? ? ? v1.16    3 
? 'data extraction' ? ? ? ? ? ? ? ? ? ? ? PDB_EXTRACT ? ? ? 3.25     4 
? phasing           ? ? ? ? ? ? ? ? ? ? ? SHELXD      ? ? ? .        5 
# 
_cell.angle_alpha                  90.000 
_cell.angle_alpha_esd              ? 
_cell.angle_beta                   139.577 
_cell.angle_beta_esd               ? 
_cell.angle_gamma                  90.000 
_cell.angle_gamma_esd              ? 
_cell.entry_id                     6UD9 
_cell.details                      ? 
_cell.formula_units_Z              ? 
_cell.length_a                     25.690 
_cell.length_a_esd                 ? 
_cell.length_b                     11.630 
_cell.length_b_esd                 ? 
_cell.length_c                     28.930 
_cell.length_c_esd                 ? 
_cell.volume                       5604.701 
_cell.volume_esd                   ? 
_cell.Z_PDB                        4 
_cell.reciprocal_angle_alpha       ? 
_cell.reciprocal_angle_beta        ? 
_cell.reciprocal_angle_gamma       ? 
_cell.reciprocal_angle_alpha_esd   ? 
_cell.reciprocal_angle_beta_esd    ? 
_cell.reciprocal_angle_gamma_esd   ? 
_cell.reciprocal_length_a          ? 
_cell.reciprocal_length_b          ? 
_cell.reciprocal_length_c          ? 
_cell.reciprocal_length_a_esd      ? 
_cell.reciprocal_length_b_esd      ? 
_cell.reciprocal_length_c_esd      ? 
_cell.pdbx_unique_axis             ? 
# 
_symmetry.entry_id                         6UD9 
_symmetry.cell_setting                     ? 
_symmetry.Int_Tables_number                14 
_symmetry.space_group_name_Hall            '-P 2ybc' 
_symmetry.space_group_name_H-M             'P 1 21/c 1' 
_symmetry.pdbx_full_space_group_name_H-M   ? 
# 
_exptl.absorpt_coefficient_mu     ? 
_exptl.absorpt_correction_T_max   ? 
_exptl.absorpt_correction_T_min   ? 
_exptl.absorpt_correction_type    ? 
_exptl.absorpt_process_details    ? 
_exptl.entry_id                   6UD9 
_exptl.crystals_number            1 
_exptl.details                    ? 
_exptl.method                     'X-RAY DIFFRACTION' 
_exptl.method_details             ? 
# 
_exptl_crystal.colour                      ? 
_exptl_crystal.density_diffrn              ? 
_exptl_crystal.density_Matthews            1.51 
_exptl_crystal.density_method              ? 
_exptl_crystal.density_percent_sol         18.70 
_exptl_crystal.description                 ? 
_exptl_crystal.F_000                       ? 
_exptl_crystal.id                          1 
_exptl_crystal.preparation                 ? 
_exptl_crystal.size_max                    ? 
_exptl_crystal.size_mid                    ? 
_exptl_crystal.size_min                    ? 
_exptl_crystal.size_rad                    ? 
_exptl_crystal.colour_lustre               ? 
_exptl_crystal.colour_modifier             ? 
_exptl_crystal.colour_primary              ? 
_exptl_crystal.density_meas                ? 
_exptl_crystal.density_meas_esd            ? 
_exptl_crystal.density_meas_gt             ? 
_exptl_crystal.density_meas_lt             ? 
_exptl_crystal.density_meas_temp           ? 
_exptl_crystal.density_meas_temp_esd       ? 
_exptl_crystal.density_meas_temp_gt        ? 
_exptl_crystal.density_meas_temp_lt        ? 
_exptl_crystal.pdbx_crystal_image_url      ? 
_exptl_crystal.pdbx_crystal_image_format   ? 
_exptl_crystal.pdbx_mosaicity              ? 
_exptl_crystal.pdbx_mosaicity_esd          ? 
# 
_exptl_crystal_grow.apparatus       ? 
_exptl_crystal_grow.atmosphere      ? 
_exptl_crystal_grow.crystal_id      1 
_exptl_crystal_grow.details         ? 
_exptl_crystal_grow.method          'VAPOR DIFFUSION, HANGING DROP' 
_exptl_crystal_grow.method_ref      ? 
_exptl_crystal_grow.pH              ? 
_exptl_crystal_grow.pressure        ? 
_exptl_crystal_grow.pressure_esd    ? 
_exptl_crystal_grow.seeding         ? 
_exptl_crystal_grow.seeding_ref     ? 
_exptl_crystal_grow.temp            298 
_exptl_crystal_grow.temp_details    ? 
_exptl_crystal_grow.temp_esd        ? 
_exptl_crystal_grow.time            ? 
_exptl_crystal_grow.pdbx_details    '0.1 M potassium thiocyanate, 30% (w/v) PEG 2000 MME' 
_exptl_crystal_grow.pdbx_pH_range   ? 
# 
_diffrn.ambient_environment              ? 
_diffrn.ambient_temp                     100 
_diffrn.ambient_temp_details             ? 
_diffrn.ambient_temp_esd                 ? 
_diffrn.crystal_id                       1 
_diffrn.crystal_support                  ? 
_diffrn.crystal_treatment                ? 
_diffrn.details                          ? 
_diffrn.id                               1 
_diffrn.ambient_pressure                 ? 
_diffrn.ambient_pressure_esd             ? 
_diffrn.ambient_pressure_gt              ? 
_diffrn.ambient_pressure_lt              ? 
_diffrn.ambient_temp_gt                  ? 
_diffrn.ambient_temp_lt                  ? 
_diffrn.pdbx_serial_crystal_experiment   N 
# 
_diffrn_detector.details                      ? 
_diffrn_detector.detector                     PIXEL 
_diffrn_detector.diffrn_id                    1 
_diffrn_detector.type                         'DECTRIS EIGER X 16M' 
_diffrn_detector.area_resol_mean              ? 
_diffrn_detector.dtime                        ? 
_diffrn_detector.pdbx_frames_total            ? 
_diffrn_detector.pdbx_collection_time_total   ? 
_diffrn_detector.pdbx_collection_date         2018-07-02 
_diffrn_detector.pdbx_frequency               ? 
# 
_diffrn_radiation.collimation                      ? 
_diffrn_radiation.diffrn_id                        1 
_diffrn_radiation.filter_edge                      ? 
_diffrn_radiation.inhomogeneity                    ? 
_diffrn_radiation.monochromator                    'Si (111)' 
_diffrn_radiation.polarisn_norm                    ? 
_diffrn_radiation.polarisn_ratio                   ? 
_diffrn_radiation.probe                            ? 
_diffrn_radiation.type                             ? 
_diffrn_radiation.xray_symbol                      ? 
_diffrn_radiation.wavelength_id                    1 
_diffrn_radiation.pdbx_monochromatic_or_laue_m_l   M 
_diffrn_radiation.pdbx_wavelength_list             ? 
_diffrn_radiation.pdbx_wavelength                  ? 
_diffrn_radiation.pdbx_diffrn_protocol             'SINGLE WAVELENGTH' 
_diffrn_radiation.pdbx_analyzer                    ? 
_diffrn_radiation.pdbx_scattering_type             x-ray 
# 
_diffrn_radiation_wavelength.id           1 
_diffrn_radiation_wavelength.wavelength   0.9792 
_diffrn_radiation_wavelength.wt           1.0 
# 
_diffrn_source.current                     ? 
_diffrn_source.details                     ? 
_diffrn_source.diffrn_id                   1 
_diffrn_source.power                       ? 
_diffrn_source.size                        ? 
_diffrn_source.source                      SYNCHROTRON 
_diffrn_source.target                      ? 
_diffrn_source.type                        'APS BEAMLINE 24-ID-E' 
_diffrn_source.voltage                     ? 
_diffrn_source.take-off_angle              ? 
_diffrn_source.pdbx_wavelength_list        0.9792 
_diffrn_source.pdbx_wavelength             ? 
_diffrn_source.pdbx_synchrotron_beamline   24-ID-E 
_diffrn_source.pdbx_synchrotron_site       APS 
# 
_reflns.B_iso_Wilson_estimate            10.525 
_reflns.entry_id                         6UD9 
_reflns.data_reduction_details           ? 
_reflns.data_reduction_method            ? 
_reflns.d_resolution_high                1.100 
_reflns.d_resolution_low                 16.7 
_reflns.details                          ? 
_reflns.limit_h_max                      ? 
_reflns.limit_h_min                      ? 
_reflns.limit_k_max                      ? 
_reflns.limit_k_min                      ? 
_reflns.limit_l_max                      ? 
_reflns.limit_l_min                      ? 
_reflns.number_all                       ? 
_reflns.number_obs                       3969 
_reflns.observed_criterion               ? 
_reflns.observed_criterion_F_max         ? 
_reflns.observed_criterion_F_min         ? 
_reflns.observed_criterion_I_max         ? 
_reflns.observed_criterion_I_min         ? 
_reflns.observed_criterion_sigma_F       ? 
_reflns.observed_criterion_sigma_I       ? 
_reflns.percent_possible_obs             88.400 
_reflns.R_free_details                   ? 
_reflns.Rmerge_F_all                     ? 
_reflns.Rmerge_F_obs                     ? 
_reflns.Friedel_coverage                 ? 
_reflns.number_gt                        ? 
_reflns.threshold_expression             ? 
_reflns.pdbx_redundancy                  6.012 
_reflns.pdbx_Rmerge_I_obs                0.055 
_reflns.pdbx_Rmerge_I_all                ? 
_reflns.pdbx_Rsym_value                  ? 
_reflns.pdbx_netI_over_av_sigmaI         ? 
_reflns.pdbx_netI_over_sigmaI            21.910 
_reflns.pdbx_res_netI_over_av_sigmaI_2   ? 
_reflns.pdbx_res_netI_over_sigmaI_2      ? 
_reflns.pdbx_chi_squared                 1.074 
_reflns.pdbx_scaling_rejects             ? 
_reflns.pdbx_d_res_high_opt              ? 
_reflns.pdbx_d_res_low_opt               ? 
_reflns.pdbx_d_res_opt_method            ? 
_reflns.phase_calculation_details        ? 
_reflns.pdbx_Rrim_I_all                  0.061 
_reflns.pdbx_Rpim_I_all                  ? 
_reflns.pdbx_d_opt                       ? 
_reflns.pdbx_number_measured_all         ? 
_reflns.pdbx_diffrn_id                   1 
_reflns.pdbx_ordinal                     1 
_reflns.pdbx_CC_half                     0.996 
_reflns.pdbx_R_split                     ? 
_reflns.pdbx_CC_star                     ? 
# 
loop_
_reflns_shell.d_res_high 
_reflns_shell.d_res_low 
_reflns_shell.meanI_over_sigI_all 
_reflns_shell.meanI_over_sigI_obs 
_reflns_shell.number_measured_all 
_reflns_shell.number_measured_obs 
_reflns_shell.number_possible 
_reflns_shell.number_unique_all 
_reflns_shell.number_unique_obs 
_reflns_shell.percent_possible_all 
_reflns_shell.percent_possible_obs 
_reflns_shell.Rmerge_F_all 
_reflns_shell.Rmerge_F_obs 
_reflns_shell.Rmerge_I_all 
_reflns_shell.Rmerge_I_obs 
_reflns_shell.meanI_over_sigI_gt 
_reflns_shell.meanI_over_uI_all 
_reflns_shell.meanI_over_uI_gt 
_reflns_shell.number_measured_gt 
_reflns_shell.number_unique_gt 
_reflns_shell.percent_possible_gt 
_reflns_shell.Rmerge_F_gt 
_reflns_shell.Rmerge_I_gt 
_reflns_shell.pdbx_redundancy 
_reflns_shell.pdbx_Rsym_value 
_reflns_shell.pdbx_chi_squared 
_reflns_shell.pdbx_netI_over_sigmaI_all 
_reflns_shell.pdbx_netI_over_sigmaI_obs 
_reflns_shell.pdbx_Rrim_I_all 
_reflns_shell.pdbx_Rpim_I_all 
_reflns_shell.pdbx_rejects 
_reflns_shell.pdbx_ordinal 
_reflns_shell.pdbx_diffrn_id 
_reflns_shell.pdbx_CC_half 
_reflns_shell.pdbx_R_split 
_reflns_shell.pdbx_CC_star 
1.100 1.130 ? 9.450  ? ? ? ? 147 42.100  ? ? ? ? 0.080 ? ? ? ? ? ? ? ? 3.932 ? ? ? ? 0.093 ? ? 1  1 0.994 ? ? 
1.130 1.160 ? 12.660 ? ? ? ? 190 57.600  ? ? ? ? 0.060 ? ? ? ? ? ? ? ? 4.579 ? ? ? ? 0.068 ? ? 2  1 0.998 ? ? 
1.160 1.190 ? 14.590 ? ? ? ? 222 74.000  ? ? ? ? 0.063 ? ? ? ? ? ? ? ? 4.613 ? ? ? ? 0.071 ? ? 3  1 0.999 ? ? 
1.190 1.230 ? 16.110 ? ? ? ? 280 91.200  ? ? ? ? 0.071 ? ? ? ? ? ? ? ? 5.521 ? ? ? ? 0.078 ? ? 4  1 0.995 ? ? 
1.230 1.270 ? 17.200 ? ? ? ? 291 100.000 ? ? ? ? 0.067 ? ? ? ? ? ? ? ? 6.275 ? ? ? ? 0.073 ? ? 5  1 0.997 ? ? 
1.270 1.320 ? 17.060 ? ? ? ? 279 97.600  ? ? ? ? 0.066 ? ? ? ? ? ? ? ? 6.115 ? ? ? ? 0.074 ? ? 6  1 0.994 ? ? 
1.320 1.370 ? 19.410 ? ? ? ? 273 98.900  ? ? ? ? 0.060 ? ? ? ? ? ? ? ? 6.502 ? ? ? ? 0.065 ? ? 7  1 0.998 ? ? 
1.370 1.420 ? 19.840 ? ? ? ? 257 96.600  ? ? ? ? 0.059 ? ? ? ? ? ? ? ? 6.479 ? ? ? ? 0.064 ? ? 8  1 0.998 ? ? 
1.420 1.480 ? 20.530 ? ? ? ? 261 99.200  ? ? ? ? 0.056 ? ? ? ? ? ? ? ? 6.011 ? ? ? ? 0.061 ? ? 9  1 0.998 ? ? 
1.480 1.560 ? 23.370 ? ? ? ? 222 98.200  ? ? ? ? 0.059 ? ? ? ? ? ? ? ? 6.676 ? ? ? ? 0.064 ? ? 10 1 0.997 ? ? 
1.560 1.640 ? 25.990 ? ? ? ? 236 98.300  ? ? ? ? 0.051 ? ? ? ? ? ? ? ? 6.500 ? ? ? ? 0.056 ? ? 11 1 0.999 ? ? 
1.640 1.740 ? 26.670 ? ? ? ? 218 99.100  ? ? ? ? 0.053 ? ? ? ? ? ? ? ? 6.436 ? ? ? ? 0.057 ? ? 12 1 0.998 ? ? 
1.740 1.860 ? 27.170 ? ? ? ? 192 96.500  ? ? ? ? 0.048 ? ? ? ? ? ? ? ? 6.375 ? ? ? ? 0.053 ? ? 13 1 0.998 ? ? 
1.860 2.010 ? 28.330 ? ? ? ? 187 94.900  ? ? ? ? 0.045 ? ? ? ? ? ? ? ? 5.989 ? ? ? ? 0.049 ? ? 14 1 0.999 ? ? 
2.010 2.200 ? 30.840 ? ? ? ? 171 99.400  ? ? ? ? 0.045 ? ? ? ? ? ? ? ? 6.544 ? ? ? ? 0.049 ? ? 15 1 0.998 ? ? 
2.200 2.460 ? 31.500 ? ? ? ? 159 97.500  ? ? ? ? 0.052 ? ? ? ? ? ? ? ? 6.541 ? ? ? ? 0.056 ? ? 16 1 0.998 ? ? 
2.460 2.840 ? 30.930 ? ? ? ? 143 96.600  ? ? ? ? 0.049 ? ? ? ? ? ? ? ? 6.476 ? ? ? ? 0.053 ? ? 17 1 0.998 ? ? 
2.840 3.480 ? 30.770 ? ? ? ? 103 94.500  ? ? ? ? 0.061 ? ? ? ? ? ? ? ? 6.117 ? ? ? ? 0.067 ? ? 18 1 0.995 ? ? 
3.480 4.920 ? 32.120 ? ? ? ? 88  91.700  ? ? ? ? 0.067 ? ? ? ? ? ? ? ? 5.977 ? ? ? ? 0.074 ? ? 19 1 0.988 ? ? 
4.920 16.7  ? 30.590 ? ? ? ? 50  94.300  ? ? ? ? 0.065 ? ? ? ? ? ? ? ? 5.960 ? ? ? ? 0.071 ? ? 20 1 0.998 ? ? 
# 
_refine.aniso_B[1][1]                            ? 
_refine.aniso_B[1][2]                            ? 
_refine.aniso_B[1][3]                            ? 
_refine.aniso_B[2][2]                            ? 
_refine.aniso_B[2][3]                            ? 
_refine.aniso_B[3][3]                            ? 
_refine.B_iso_max                                ? 
_refine.B_iso_mean                               9.71 
_refine.B_iso_min                                ? 
_refine.correlation_coeff_Fo_to_Fc               ? 
_refine.correlation_coeff_Fo_to_Fc_free          ? 
_refine.details                                  ? 
_refine.diff_density_max                         ? 
_refine.diff_density_max_esd                     ? 
_refine.diff_density_min                         ? 
_refine.diff_density_min_esd                     ? 
_refine.diff_density_rms                         ? 
_refine.diff_density_rms_esd                     ? 
_refine.entry_id                                 6UD9 
_refine.pdbx_refine_id                           'X-RAY DIFFRACTION' 
_refine.ls_abs_structure_details                 ? 
_refine.ls_abs_structure_Flack                   ? 
_refine.ls_abs_structure_Flack_esd               ? 
_refine.ls_abs_structure_Rogers                  ? 
_refine.ls_abs_structure_Rogers_esd              ? 
_refine.ls_d_res_high                            1.10 
_refine.ls_d_res_low                             16.66 
_refine.ls_extinction_coef                       ? 
_refine.ls_extinction_coef_esd                   ? 
_refine.ls_extinction_expression                 ? 
_refine.ls_extinction_method                     ? 
_refine.ls_goodness_of_fit_all                   ? 
_refine.ls_goodness_of_fit_all_esd               ? 
_refine.ls_goodness_of_fit_obs                   ? 
_refine.ls_goodness_of_fit_obs_esd               ? 
_refine.ls_hydrogen_treatment                    ? 
_refine.ls_matrix_type                           ? 
_refine.ls_number_constraints                    ? 
_refine.ls_number_parameters                     ? 
_refine.ls_number_reflns_all                     ? 
_refine.ls_number_reflns_obs                     3965 
_refine.ls_number_reflns_R_free                  397 
_refine.ls_number_reflns_R_work                  ? 
_refine.ls_number_restraints                     ? 
_refine.ls_percent_reflns_obs                    89.67 
_refine.ls_percent_reflns_R_free                 10.01 
_refine.ls_R_factor_all                          ? 
_refine.ls_R_factor_obs                          0.1284 
_refine.ls_R_factor_R_free                       0.1497 
_refine.ls_R_factor_R_free_error                 ? 
_refine.ls_R_factor_R_free_error_details         ? 
_refine.ls_R_factor_R_work                       0.1262 
_refine.ls_R_Fsqd_factor_obs                     ? 
_refine.ls_R_I_factor_obs                        ? 
_refine.ls_redundancy_reflns_all                 ? 
_refine.ls_redundancy_reflns_obs                 ? 
_refine.ls_restrained_S_all                      ? 
_refine.ls_restrained_S_obs                      ? 
_refine.ls_shift_over_esd_max                    ? 
_refine.ls_shift_over_esd_mean                   ? 
_refine.ls_structure_factor_coef                 ? 
_refine.ls_weighting_details                     ? 
_refine.ls_weighting_scheme                      ? 
_refine.ls_wR_factor_all                         ? 
_refine.ls_wR_factor_obs                         ? 
_refine.ls_wR_factor_R_free                      ? 
_refine.ls_wR_factor_R_work                      ? 
_refine.occupancy_max                            ? 
_refine.occupancy_min                            ? 
_refine.solvent_model_details                    ? 
_refine.solvent_model_param_bsol                 ? 
_refine.solvent_model_param_ksol                 ? 
_refine.ls_R_factor_gt                           ? 
_refine.ls_goodness_of_fit_gt                    ? 
_refine.ls_goodness_of_fit_ref                   ? 
_refine.ls_shift_over_su_max                     ? 
_refine.ls_shift_over_su_max_lt                  ? 
_refine.ls_shift_over_su_mean                    ? 
_refine.ls_shift_over_su_mean_lt                 ? 
_refine.pdbx_ls_sigma_I                          ? 
_refine.pdbx_ls_sigma_F                          1.44 
_refine.pdbx_ls_sigma_Fsqd                       ? 
_refine.pdbx_data_cutoff_high_absF               ? 
_refine.pdbx_data_cutoff_high_rms_absF           ? 
_refine.pdbx_data_cutoff_low_absF                ? 
_refine.pdbx_isotropic_thermal_model             ? 
_refine.pdbx_ls_cross_valid_method               'FREE R-VALUE' 
_refine.pdbx_method_to_determine_struct          'AB INITIO PHASING' 
_refine.pdbx_starting_model                      ? 
_refine.pdbx_stereochemistry_target_values       ? 
_refine.pdbx_R_Free_selection_details            ? 
_refine.pdbx_stereochem_target_val_spec_case     ? 
_refine.pdbx_overall_ESU_R                       ? 
_refine.pdbx_overall_ESU_R_Free                  ? 
_refine.pdbx_solvent_vdw_probe_radii             1.1100 
_refine.pdbx_solvent_ion_probe_radii             ? 
_refine.pdbx_solvent_shrinkage_radii             0.9000 
_refine.pdbx_real_space_R                        ? 
_refine.pdbx_density_correlation                 ? 
_refine.pdbx_pd_number_of_powder_patterns        ? 
_refine.pdbx_pd_number_of_points                 ? 
_refine.pdbx_pd_meas_number_of_points            ? 
_refine.pdbx_pd_proc_ls_prof_R_factor            ? 
_refine.pdbx_pd_proc_ls_prof_wR_factor           ? 
_refine.pdbx_pd_Marquardt_correlation_coeff      ? 
_refine.pdbx_pd_Fsqrd_R_factor                   ? 
_refine.pdbx_pd_ls_matrix_band_width             ? 
_refine.pdbx_overall_phase_error                 12.9900 
_refine.pdbx_overall_SU_R_free_Cruickshank_DPI   ? 
_refine.pdbx_overall_SU_R_free_Blow_DPI          ? 
_refine.pdbx_overall_SU_R_Blow_DPI               ? 
_refine.pdbx_TLS_residual_ADP_flag               ? 
_refine.pdbx_diffrn_id                           1 
_refine.overall_SU_B                             ? 
_refine.overall_SU_ML                            0.0246 
_refine.overall_SU_R_Cruickshank_DPI             ? 
_refine.overall_SU_R_free                        ? 
_refine.overall_FOM_free_R_set                   ? 
_refine.overall_FOM_work_R_set                   ? 
_refine.pdbx_average_fsc_overall                 ? 
_refine.pdbx_average_fsc_work                    ? 
_refine.pdbx_average_fsc_free                    ? 
# 
_refine_hist.pdbx_refine_id                   'X-RAY DIFFRACTION' 
_refine_hist.cycle_id                         LAST 
_refine_hist.details                          ? 
_refine_hist.d_res_high                       1.10 
_refine_hist.d_res_low                        16.66 
_refine_hist.number_atoms_solvent             9 
_refine_hist.number_atoms_total               73 
_refine_hist.number_reflns_all                ? 
_refine_hist.number_reflns_obs                ? 
_refine_hist.number_reflns_R_free             ? 
_refine_hist.number_reflns_R_work             ? 
_refine_hist.R_factor_all                     ? 
_refine_hist.R_factor_obs                     ? 
_refine_hist.R_factor_R_free                  ? 
_refine_hist.R_factor_R_work                  ? 
_refine_hist.pdbx_number_residues_total       ? 
_refine_hist.pdbx_B_iso_mean_ligand           ? 
_refine_hist.pdbx_B_iso_mean_solvent          ? 
_refine_hist.pdbx_number_atoms_protein        64 
_refine_hist.pdbx_number_atoms_nucleic_acid   0 
_refine_hist.pdbx_number_atoms_ligand         0 
_refine_hist.pdbx_number_atoms_lipid          ? 
_refine_hist.pdbx_number_atoms_carb           ? 
_refine_hist.pdbx_pseudo_atom_details         ? 
# 
loop_
_refine_ls_restr.pdbx_refine_id 
_refine_ls_restr.criterion 
_refine_ls_restr.dev_ideal 
_refine_ls_restr.dev_ideal_target 
_refine_ls_restr.number 
_refine_ls_restr.rejects 
_refine_ls_restr.type 
_refine_ls_restr.weight 
_refine_ls_restr.pdbx_restraint_function 
'X-RAY DIFFRACTION' ? 0.0129  ? 86  ? f_bond_d           ? ? 
'X-RAY DIFFRACTION' ? 1.7979  ? 116 ? f_angle_d          ? ? 
'X-RAY DIFFRACTION' ? 0.1933  ? 13  ? f_chiral_restr     ? ? 
'X-RAY DIFFRACTION' ? 0.0087  ? 13  ? f_plane_restr      ? ? 
'X-RAY DIFFRACTION' ? 26.2909 ? 43  ? f_dihedral_angle_d ? ? 
# 
loop_
_refine_ls_shell.pdbx_refine_id 
_refine_ls_shell.d_res_high 
_refine_ls_shell.d_res_low 
_refine_ls_shell.number_reflns_all 
_refine_ls_shell.number_reflns_obs 
_refine_ls_shell.number_reflns_R_free 
_refine_ls_shell.number_reflns_R_work 
_refine_ls_shell.percent_reflns_obs 
_refine_ls_shell.percent_reflns_R_free 
_refine_ls_shell.R_factor_all 
_refine_ls_shell.R_factor_obs 
_refine_ls_shell.R_factor_R_free 
_refine_ls_shell.R_factor_R_free_error 
_refine_ls_shell.R_factor_R_work 
_refine_ls_shell.redundancy_reflns_all 
_refine_ls_shell.redundancy_reflns_obs 
_refine_ls_shell.wR_factor_all 
_refine_ls_shell.wR_factor_obs 
_refine_ls_shell.wR_factor_R_free 
_refine_ls_shell.wR_factor_R_work 
_refine_ls_shell.pdbx_total_number_of_bins_used 
_refine_ls_shell.pdbx_phase_error 
_refine_ls_shell.pdbx_fsc_work 
_refine_ls_shell.pdbx_fsc_free 
'X-RAY DIFFRACTION' 1.10 1.26  . . 105 949  70.93 . . . 0.1413 . 0.1146 . . . . . . . . . . 
'X-RAY DIFFRACTION' 1.26 1.59  . . 147 1319 99.66 . . . 0.1303 . 0.1247 . . . . . . . . . . 
'X-RAY DIFFRACTION' 1.59 16.66 . . 145 1300 98.63 . . . 0.1611 . 0.1291 . . . . . . . . . . 
# 
_struct.entry_id                     6UD9 
_struct.title                        'S2 symmetric peptide design number 2, Morticia' 
_struct.pdbx_model_details           'S2 symmetric cyclic peptide' 
_struct.pdbx_formula_weight          ? 
_struct.pdbx_formula_weight_method   ? 
_struct.pdbx_model_type_details      ? 
_struct.pdbx_CASP_flag               N 
# 
_struct_keywords.entry_id        6UD9 
_struct_keywords.text            'cyclic peptide, centrosymmetric macrocycle, L and D-amino acids, DE NOVO PROTEIN' 
_struct_keywords.pdbx_keywords   'DE NOVO PROTEIN' 
# 
loop_
_struct_asym.id 
_struct_asym.pdbx_blank_PDB_chainid_flag 
_struct_asym.pdbx_modified 
_struct_asym.entity_id 
_struct_asym.details 
A N N 1 ? 
B N N 2 ? 
# 
_struct_ref.id                         1 
_struct_ref.db_name                    PDB 
_struct_ref.db_code                    6UD9 
_struct_ref.pdbx_db_accession          6UD9 
_struct_ref.pdbx_db_isoform            ? 
_struct_ref.entity_id                  1 
_struct_ref.pdbx_seq_one_letter_code   ? 
_struct_ref.pdbx_align_begin           1 
# 
_struct_ref_seq.align_id                      1 
_struct_ref_seq.ref_id                        1 
_struct_ref_seq.pdbx_PDB_id_code              6UD9 
_struct_ref_seq.pdbx_strand_id                A 
_struct_ref_seq.seq_align_beg                 1 
_struct_ref_seq.pdbx_seq_align_beg_ins_code   ? 
_struct_ref_seq.seq_align_end                 8 
_struct_ref_seq.pdbx_seq_align_end_ins_code   ? 
_struct_ref_seq.pdbx_db_accession             6UD9 
_struct_ref_seq.db_align_beg                  1 
_struct_ref_seq.pdbx_db_align_beg_ins_code    ? 
_struct_ref_seq.db_align_end                  8 
_struct_ref_seq.pdbx_db_align_end_ins_code    ? 
_struct_ref_seq.pdbx_auth_seq_align_beg       1 
_struct_ref_seq.pdbx_auth_seq_align_end       8 
# 
_pdbx_struct_assembly.id                   1 
_pdbx_struct_assembly.details              author_and_software_defined_assembly 
_pdbx_struct_assembly.method_details       PISA 
_pdbx_struct_assembly.oligomeric_details   monomeric 
_pdbx_struct_assembly.oligomeric_count     1 
# 
_pdbx_struct_assembly_gen.assembly_id       1 
_pdbx_struct_assembly_gen.oper_expression   1 
_pdbx_struct_assembly_gen.asym_id_list      A,B 
# 
_pdbx_struct_assembly_auth_evidence.id                     1 
_pdbx_struct_assembly_auth_evidence.assembly_id            1 
_pdbx_struct_assembly_auth_evidence.experimental_support   none 
_pdbx_struct_assembly_auth_evidence.details                ? 
# 
_pdbx_struct_oper_list.id                   1 
_pdbx_struct_oper_list.type                 'identity operation' 
_pdbx_struct_oper_list.name                 1_555 
_pdbx_struct_oper_list.symmetry_operation   x,y,z 
_pdbx_struct_oper_list.matrix[1][1]         1.0000000000 
_pdbx_struct_oper_list.matrix[1][2]         0.0000000000 
_pdbx_struct_oper_list.matrix[1][3]         0.0000000000 
_pdbx_struct_oper_list.vector[1]            0.0000000000 
_pdbx_struct_oper_list.matrix[2][1]         0.0000000000 
_pdbx_struct_oper_list.matrix[2][2]         1.0000000000 
_pdbx_struct_oper_list.matrix[2][3]         0.0000000000 
_pdbx_struct_oper_list.vector[2]            0.0000000000 
_pdbx_struct_oper_list.matrix[3][1]         0.0000000000 
_pdbx_struct_oper_list.matrix[3][2]         0.0000000000 
_pdbx_struct_oper_list.matrix[3][3]         1.0000000000 
_pdbx_struct_oper_list.vector[3]            0.0000000000 
# 
loop_
_struct_conn.id 
_struct_conn.conn_type_id 
_struct_conn.pdbx_leaving_atom_flag 
_struct_conn.pdbx_PDB_id 
_struct_conn.ptnr1_label_asym_id 
_struct_conn.ptnr1_label_comp_id 
_struct_conn.ptnr1_label_seq_id 
_struct_conn.ptnr1_label_atom_id 
_struct_conn.pdbx_ptnr1_label_alt_id 
_struct_conn.pdbx_ptnr1_PDB_ins_code 
_struct_conn.pdbx_ptnr1_standard_comp_id 
_struct_conn.ptnr1_symmetry 
_struct_conn.ptnr2_label_asym_id 
_struct_conn.ptnr2_label_comp_id 
_struct_conn.ptnr2_label_seq_id 
_struct_conn.ptnr2_label_atom_id 
_struct_conn.pdbx_ptnr2_label_alt_id 
_struct_conn.pdbx_ptnr2_PDB_ins_code 
_struct_conn.ptnr1_auth_asym_id 
_struct_conn.ptnr1_auth_comp_id 
_struct_conn.ptnr1_auth_seq_id 
_struct_conn.ptnr2_auth_asym_id 
_struct_conn.ptnr2_auth_comp_id 
_struct_conn.ptnr2_auth_seq_id 
_struct_conn.ptnr2_symmetry 
_struct_conn.pdbx_ptnr3_label_atom_id 
_struct_conn.pdbx_ptnr3_label_seq_id 
_struct_conn.pdbx_ptnr3_label_comp_id 
_struct_conn.pdbx_ptnr3_label_asym_id 
_struct_conn.pdbx_ptnr3_label_alt_id 
_struct_conn.pdbx_ptnr3_PDB_ins_code 
_struct_conn.details 
_struct_conn.pdbx_dist_value 
_struct_conn.pdbx_value_order 
_struct_conn.pdbx_role 
covale1 covale both ? A PRO 1 C ? ? ? 1_555 A DLY 2 N ? ? A PRO 1 A DLY 2 1_555 ? ? ? ? ? ? ? 1.333 ? ? 
covale2 covale both ? A PRO 1 N ? ? ? 1_555 A GLU 8 C ? ? A PRO 1 A GLU 8 1_555 ? ? ? ? ? ? ? 1.331 ? ? 
covale3 covale both ? A DLY 2 C ? ? ? 1_555 A VAL 3 N ? ? A DLY 2 A VAL 3 1_555 ? ? ? ? ? ? ? 1.339 ? ? 
covale4 covale both ? A VAL 3 C ? ? ? 1_555 A DGL 4 N ? ? A VAL 3 A DGL 4 1_555 ? ? ? ? ? ? ? 1.346 ? ? 
covale5 covale both ? A DGL 4 C ? ? ? 1_555 A DPR 5 N ? ? A DGL 4 A DPR 5 1_555 ? ? ? ? ? ? ? 1.346 ? ? 
covale6 covale both ? A DPR 5 C ? ? ? 1_555 A LYS 6 N ? ? A DPR 5 A LYS 6 1_555 ? ? ? ? ? ? ? 1.341 ? ? 
covale7 covale both ? A LYS 6 C ? ? ? 1_555 A DVA 7 N ? ? A LYS 6 A DVA 7 1_555 ? ? ? ? ? ? ? 1.328 ? ? 
covale8 covale both ? A DVA 7 C ? ? ? 1_555 A GLU 8 N ? ? A DVA 7 A GLU 8 1_555 ? ? ? ? ? ? ? 1.336 ? ? 
# 
_struct_conn_type.id          covale 
_struct_conn_type.criteria    ? 
_struct_conn_type.reference   ? 
# 
_pdbx_modification_feature.ordinal                            1 
_pdbx_modification_feature.label_comp_id                      PRO 
_pdbx_modification_feature.label_asym_id                      A 
_pdbx_modification_feature.label_seq_id                       1 
_pdbx_modification_feature.label_alt_id                       ? 
_pdbx_modification_feature.modified_residue_label_comp_id     GLU 
_pdbx_modification_feature.modified_residue_label_asym_id     A 
_pdbx_modification_feature.modified_residue_label_seq_id      8 
_pdbx_modification_feature.modified_residue_label_alt_id      ? 
_pdbx_modification_feature.auth_comp_id                       PRO 
_pdbx_modification_feature.auth_asym_id                       A 
_pdbx_modification_feature.auth_seq_id                        1 
_pdbx_modification_feature.PDB_ins_code                       ? 
_pdbx_modification_feature.symmetry                           1_555 
_pdbx_modification_feature.modified_residue_auth_comp_id      GLU 
_pdbx_modification_feature.modified_residue_auth_asym_id      A 
_pdbx_modification_feature.modified_residue_auth_seq_id       8 
_pdbx_modification_feature.modified_residue_PDB_ins_code      ? 
_pdbx_modification_feature.modified_residue_symmetry          1_555 
_pdbx_modification_feature.comp_id_linking_atom               N 
_pdbx_modification_feature.modified_residue_id_linking_atom   C 
_pdbx_modification_feature.modified_residue_id                . 
_pdbx_modification_feature.ref_pcm_id                         . 
_pdbx_modification_feature.ref_comp_id                        . 
_pdbx_modification_feature.type                               None 
_pdbx_modification_feature.category                           'Non-standard linkage' 
# 
_pdbx_entry_details.entry_id                   6UD9 
_pdbx_entry_details.has_ligand_of_interest     N 
_pdbx_entry_details.compound_details           ? 
_pdbx_entry_details.source_details             ? 
_pdbx_entry_details.nonpolymer_details         ? 
_pdbx_entry_details.sequence_details           ? 
_pdbx_entry_details.has_protein_modification   Y 
# 
loop_
_pdbx_validate_torsion.id 
_pdbx_validate_torsion.PDB_model_num 
_pdbx_validate_torsion.auth_comp_id 
_pdbx_validate_torsion.auth_asym_id 
_pdbx_validate_torsion.auth_seq_id 
_pdbx_validate_torsion.PDB_ins_code 
_pdbx_validate_torsion.label_alt_id 
_pdbx_validate_torsion.phi 
_pdbx_validate_torsion.psi 
1 1 VAL A 3 ? ? -133.69 -53.52 
2 1 DVA A 7 ? ? 130.63  48.48  
# 
loop_
_space_group_symop.id 
_space_group_symop.operation_xyz 
1 x,y,z           
2 -x,y+1/2,-z+1/2 
3 -x,-y,-z        
4 x,-y-1/2,z-1/2  
# 
loop_
_chem_comp_atom.comp_id 
_chem_comp_atom.atom_id 
_chem_comp_atom.type_symbol 
_chem_comp_atom.pdbx_aromatic_flag 
_chem_comp_atom.pdbx_stereo_config 
_chem_comp_atom.pdbx_ordinal 
DGL N    N N N 1   
DGL CA   C N R 2   
DGL C    C N N 3   
DGL O    O N N 4   
DGL CB   C N N 5   
DGL CG   C N N 6   
DGL CD   C N N 7   
DGL OE1  O N N 8   
DGL OE2  O N N 9   
DGL OXT  O N N 10  
DGL H    H N N 11  
DGL H2   H N N 12  
DGL HA   H N N 13  
DGL HB2  H N N 14  
DGL HB3  H N N 15  
DGL HG2  H N N 16  
DGL HG3  H N N 17  
DGL HE2  H N N 18  
DGL HXT  H N N 19  
DLY N    N N N 20  
DLY CA   C N R 21  
DLY C    C N N 22  
DLY O    O N N 23  
DLY CB   C N N 24  
DLY CG   C N N 25  
DLY CD   C N N 26  
DLY CE   C N N 27  
DLY NZ   N N N 28  
DLY OXT  O N N 29  
DLY H    H N N 30  
DLY H2   H N N 31  
DLY HA   H N N 32  
DLY HB2  H N N 33  
DLY HB3  H N N 34  
DLY HG2  H N N 35  
DLY HG3  H N N 36  
DLY HD2  H N N 37  
DLY HD3  H N N 38  
DLY HE2  H N N 39  
DLY HE3  H N N 40  
DLY HZ1  H N N 41  
DLY HZ2  H N N 42  
DLY HXT  H N N 43  
DPR N    N N N 44  
DPR CA   C N R 45  
DPR CB   C N N 46  
DPR CG   C N N 47  
DPR CD   C N N 48  
DPR C    C N N 49  
DPR O    O N N 50  
DPR OXT  O N N 51  
DPR H    H N N 52  
DPR HA   H N N 53  
DPR HB2  H N N 54  
DPR HB3  H N N 55  
DPR HG2  H N N 56  
DPR HG3  H N N 57  
DPR HD2  H N N 58  
DPR HD3  H N N 59  
DPR HXT  H N N 60  
DVA N    N N N 61  
DVA CA   C N R 62  
DVA CB   C N N 63  
DVA CG1  C N N 64  
DVA CG2  C N N 65  
DVA C    C N N 66  
DVA O    O N N 67  
DVA OXT  O N N 68  
DVA H    H N N 69  
DVA H2   H N N 70  
DVA HA   H N N 71  
DVA HB   H N N 72  
DVA HG11 H N N 73  
DVA HG12 H N N 74  
DVA HG13 H N N 75  
DVA HG21 H N N 76  
DVA HG22 H N N 77  
DVA HG23 H N N 78  
DVA HXT  H N N 79  
GLU N    N N N 80  
GLU CA   C N S 81  
GLU C    C N N 82  
GLU O    O N N 83  
GLU CB   C N N 84  
GLU CG   C N N 85  
GLU CD   C N N 86  
GLU OE1  O N N 87  
GLU OE2  O N N 88  
GLU OXT  O N N 89  
GLU H    H N N 90  
GLU H2   H N N 91  
GLU HA   H N N 92  
GLU HB2  H N N 93  
GLU HB3  H N N 94  
GLU HG2  H N N 95  
GLU HG3  H N N 96  
GLU HE2  H N N 97  
GLU HXT  H N N 98  
HOH O    O N N 99  
HOH H1   H N N 100 
HOH H2   H N N 101 
LYS N    N N N 102 
LYS CA   C N S 103 
LYS C    C N N 104 
LYS O    O N N 105 
LYS CB   C N N 106 
LYS CG   C N N 107 
LYS CD   C N N 108 
LYS CE   C N N 109 
LYS NZ   N N N 110 
LYS OXT  O N N 111 
LYS H    H N N 112 
LYS H2   H N N 113 
LYS HA   H N N 114 
LYS HB2  H N N 115 
LYS HB3  H N N 116 
LYS HG2  H N N 117 
LYS HG3  H N N 118 
LYS HD2  H N N 119 
LYS HD3  H N N 120 
LYS HE2  H N N 121 
LYS HE3  H N N 122 
LYS HZ1  H N N 123 
LYS HZ2  H N N 124 
LYS HZ3  H N N 125 
LYS HXT  H N N 126 
PRO N    N N N 127 
PRO CA   C N S 128 
PRO C    C N N 129 
PRO O    O N N 130 
PRO CB   C N N 131 
PRO CG   C N N 132 
PRO CD   C N N 133 
PRO OXT  O N N 134 
PRO H    H N N 135 
PRO HA   H N N 136 
PRO HB2  H N N 137 
PRO HB3  H N N 138 
PRO HG2  H N N 139 
PRO HG3  H N N 140 
PRO HD2  H N N 141 
PRO HD3  H N N 142 
PRO HXT  H N N 143 
VAL N    N N N 144 
VAL CA   C N S 145 
VAL C    C N N 146 
VAL O    O N N 147 
VAL CB   C N N 148 
VAL CG1  C N N 149 
VAL CG2  C N N 150 
VAL OXT  O N N 151 
VAL H    H N N 152 
VAL H2   H N N 153 
VAL HA   H N N 154 
VAL HB   H N N 155 
VAL HG11 H N N 156 
VAL HG12 H N N 157 
VAL HG13 H N N 158 
VAL HG21 H N N 159 
VAL HG22 H N N 160 
VAL HG23 H N N 161 
VAL HXT  H N N 162 
# 
loop_
_chem_comp_bond.comp_id 
_chem_comp_bond.atom_id_1 
_chem_comp_bond.atom_id_2 
_chem_comp_bond.value_order 
_chem_comp_bond.pdbx_aromatic_flag 
_chem_comp_bond.pdbx_stereo_config 
_chem_comp_bond.pdbx_ordinal 
DGL N   CA   sing N N 1   
DGL N   H    sing N N 2   
DGL N   H2   sing N N 3   
DGL CA  C    sing N N 4   
DGL CA  CB   sing N N 5   
DGL CA  HA   sing N N 6   
DGL C   O    doub N N 7   
DGL C   OXT  sing N N 8   
DGL CB  CG   sing N N 9   
DGL CB  HB2  sing N N 10  
DGL CB  HB3  sing N N 11  
DGL CG  CD   sing N N 12  
DGL CG  HG2  sing N N 13  
DGL CG  HG3  sing N N 14  
DGL CD  OE1  doub N N 15  
DGL CD  OE2  sing N N 16  
DGL OE2 HE2  sing N N 17  
DGL OXT HXT  sing N N 18  
DLY N   CA   sing N N 19  
DLY N   H    sing N N 20  
DLY N   H2   sing N N 21  
DLY CA  C    sing N N 22  
DLY CA  CB   sing N N 23  
DLY CA  HA   sing N N 24  
DLY C   O    doub N N 25  
DLY C   OXT  sing N N 26  
DLY CB  CG   sing N N 27  
DLY CB  HB2  sing N N 28  
DLY CB  HB3  sing N N 29  
DLY CG  CD   sing N N 30  
DLY CG  HG2  sing N N 31  
DLY CG  HG3  sing N N 32  
DLY CD  CE   sing N N 33  
DLY CD  HD2  sing N N 34  
DLY CD  HD3  sing N N 35  
DLY CE  NZ   sing N N 36  
DLY CE  HE2  sing N N 37  
DLY CE  HE3  sing N N 38  
DLY NZ  HZ1  sing N N 39  
DLY NZ  HZ2  sing N N 40  
DLY OXT HXT  sing N N 41  
DPR N   CA   sing N N 42  
DPR N   CD   sing N N 43  
DPR N   H    sing N N 44  
DPR CA  CB   sing N N 45  
DPR CA  C    sing N N 46  
DPR CA  HA   sing N N 47  
DPR CB  CG   sing N N 48  
DPR CB  HB2  sing N N 49  
DPR CB  HB3  sing N N 50  
DPR CG  CD   sing N N 51  
DPR CG  HG2  sing N N 52  
DPR CG  HG3  sing N N 53  
DPR CD  HD2  sing N N 54  
DPR CD  HD3  sing N N 55  
DPR C   O    doub N N 56  
DPR C   OXT  sing N N 57  
DPR OXT HXT  sing N N 58  
DVA N   CA   sing N N 59  
DVA N   H    sing N N 60  
DVA N   H2   sing N N 61  
DVA CA  CB   sing N N 62  
DVA CA  C    sing N N 63  
DVA CA  HA   sing N N 64  
DVA CB  CG1  sing N N 65  
DVA CB  CG2  sing N N 66  
DVA CB  HB   sing N N 67  
DVA CG1 HG11 sing N N 68  
DVA CG1 HG12 sing N N 69  
DVA CG1 HG13 sing N N 70  
DVA CG2 HG21 sing N N 71  
DVA CG2 HG22 sing N N 72  
DVA CG2 HG23 sing N N 73  
DVA C   O    doub N N 74  
DVA C   OXT  sing N N 75  
DVA OXT HXT  sing N N 76  
GLU N   CA   sing N N 77  
GLU N   H    sing N N 78  
GLU N   H2   sing N N 79  
GLU CA  C    sing N N 80  
GLU CA  CB   sing N N 81  
GLU CA  HA   sing N N 82  
GLU C   O    doub N N 83  
GLU C   OXT  sing N N 84  
GLU CB  CG   sing N N 85  
GLU CB  HB2  sing N N 86  
GLU CB  HB3  sing N N 87  
GLU CG  CD   sing N N 88  
GLU CG  HG2  sing N N 89  
GLU CG  HG3  sing N N 90  
GLU CD  OE1  doub N N 91  
GLU CD  OE2  sing N N 92  
GLU OE2 HE2  sing N N 93  
GLU OXT HXT  sing N N 94  
HOH O   H1   sing N N 95  
HOH O   H2   sing N N 96  
LYS N   CA   sing N N 97  
LYS N   H    sing N N 98  
LYS N   H2   sing N N 99  
LYS CA  C    sing N N 100 
LYS CA  CB   sing N N 101 
LYS CA  HA   sing N N 102 
LYS C   O    doub N N 103 
LYS C   OXT  sing N N 104 
LYS CB  CG   sing N N 105 
LYS CB  HB2  sing N N 106 
LYS CB  HB3  sing N N 107 
LYS CG  CD   sing N N 108 
LYS CG  HG2  sing N N 109 
LYS CG  HG3  sing N N 110 
LYS CD  CE   sing N N 111 
LYS CD  HD2  sing N N 112 
LYS CD  HD3  sing N N 113 
LYS CE  NZ   sing N N 114 
LYS CE  HE2  sing N N 115 
LYS CE  HE3  sing N N 116 
LYS NZ  HZ1  sing N N 117 
LYS NZ  HZ2  sing N N 118 
LYS NZ  HZ3  sing N N 119 
LYS OXT HXT  sing N N 120 
PRO N   CA   sing N N 121 
PRO N   CD   sing N N 122 
PRO N   H    sing N N 123 
PRO CA  C    sing N N 124 
PRO CA  CB   sing N N 125 
PRO CA  HA   sing N N 126 
PRO C   O    doub N N 127 
PRO C   OXT  sing N N 128 
PRO CB  CG   sing N N 129 
PRO CB  HB2  sing N N 130 
PRO CB  HB3  sing N N 131 
PRO CG  CD   sing N N 132 
PRO CG  HG2  sing N N 133 
PRO CG  HG3  sing N N 134 
PRO CD  HD2  sing N N 135 
PRO CD  HD3  sing N N 136 
PRO OXT HXT  sing N N 137 
VAL N   CA   sing N N 138 
VAL N   H    sing N N 139 
VAL N   H2   sing N N 140 
VAL CA  C    sing N N 141 
VAL CA  CB   sing N N 142 
VAL CA  HA   sing N N 143 
VAL C   O    doub N N 144 
VAL C   OXT  sing N N 145 
VAL CB  CG1  sing N N 146 
VAL CB  CG2  sing N N 147 
VAL CB  HB   sing N N 148 
VAL CG1 HG11 sing N N 149 
VAL CG1 HG12 sing N N 150 
VAL CG1 HG13 sing N N 151 
VAL CG2 HG21 sing N N 152 
VAL CG2 HG22 sing N N 153 
VAL CG2 HG23 sing N N 154 
VAL OXT HXT  sing N N 155 
# 
loop_
_pdbx_audit_support.funding_organization 
_pdbx_audit_support.country 
_pdbx_audit_support.grant_number 
_pdbx_audit_support.ordinal 
'Department of Energy (DOE, United States)' 'United States' DE-FC02-02ER63421 1 
'Department of Energy (DOE, United States)' 'United States' DE-AC02-06CH11357 2 
# 
_space_group.name_H-M_alt     'P 1 21/c 1' 
_space_group.name_Hall        '-P 2ybc' 
_space_group.IT_number        14 
_space_group.crystal_system   monoclinic 
_space_group.id               1 
# 
_atom_sites.entry_id                    6UD9 
_atom_sites.Cartn_transf_matrix[1][1]   ? 
_atom_sites.Cartn_transf_matrix[1][2]   ? 
_atom_sites.Cartn_transf_matrix[1][3]   ? 
_atom_sites.Cartn_transf_matrix[2][1]   ? 
_atom_sites.Cartn_transf_matrix[2][2]   ? 
_atom_sites.Cartn_transf_matrix[2][3]   ? 
_atom_sites.Cartn_transf_matrix[3][1]   ? 
_atom_sites.Cartn_transf_matrix[3][2]   ? 
_atom_sites.Cartn_transf_matrix[3][3]   ? 
_atom_sites.Cartn_transf_vector[1]      ? 
_atom_sites.Cartn_transf_vector[2]      ? 
_atom_sites.Cartn_transf_vector[3]      ? 
_atom_sites.fract_transf_matrix[1][1]   0.01711172 
_atom_sites.fract_transf_matrix[1][2]   -0.03774880 
_atom_sites.fract_transf_matrix[1][3]   -0.04342742 
_atom_sites.fract_transf_matrix[2][1]   -0.05119594 
_atom_sites.fract_transf_matrix[2][2]   0.04086839 
_atom_sites.fract_transf_matrix[2][3]   -0.05569714 
_atom_sites.fract_transf_matrix[3][1]   0.03753280 
_atom_sites.fract_transf_matrix[3][2]   -0.00424767 
_atom_sites.fract_transf_matrix[3][3]   -0.03761634 
_atom_sites.fract_transf_vector[1]      0.254113 
_atom_sites.fract_transf_vector[2]      0.267398 
_atom_sites.fract_transf_vector[3]      0.023310 
_atom_sites.solution_primary            ? 
_atom_sites.solution_secondary          ? 
_atom_sites.solution_hydrogens          ? 
_atom_sites.special_details             ? 
# 
loop_
_atom_type.symbol 
_atom_type.scat_dispersion_real 
_atom_type.scat_dispersion_imag 
_atom_type.scat_Cromer_Mann_a1 
_atom_type.scat_Cromer_Mann_a2 
_atom_type.scat_Cromer_Mann_a3 
_atom_type.scat_Cromer_Mann_a4 
_atom_type.scat_Cromer_Mann_b1 
_atom_type.scat_Cromer_Mann_b2 
_atom_type.scat_Cromer_Mann_b3 
_atom_type.scat_Cromer_Mann_b4 
_atom_type.scat_Cromer_Mann_c 
_atom_type.scat_source 
_atom_type.scat_dispersion_source 
C ? ? 3.54356 2.42580 ? ? 25.62398 1.50364 ? ? 0.0 
;2-Gaussian fit: Grosse-Kunstleve RW, Sauter NK, Adams PD: Newsletter of the IUCr Commission on Crystallographic Computing 2004, 3, 22-31.
;
? 
H ? ? 0.51345 0.48472 ? ? 24.73122 6.32584 ? ? 0.0 
;2-Gaussian fit: Grosse-Kunstleve RW, Sauter NK, Adams PD: Newsletter of the IUCr Commission on Crystallographic Computing 2004, 3, 22-31.
;
? 
N ? ? 4.01032 2.96436 ? ? 19.97189 1.75589 ? ? 0.0 
;2-Gaussian fit: Grosse-Kunstleve RW, Sauter NK, Adams PD: Newsletter of the IUCr Commission on Crystallographic Computing 2004, 3, 22-31.
;
? 
O ? ? 4.49882 3.47563 ? ? 15.80542 1.70748 ? ? 0.0 
;2-Gaussian fit: Grosse-Kunstleve RW, Sauter NK, Adams PD: Newsletter of the IUCr Commission on Crystallographic Computing 2004, 3, 22-31.
;
? 
# 
loop_
_atom_site.group_PDB 
_atom_site.id 
_atom_site.type_symbol 
_atom_site.label_atom_id 
_atom_site.label_alt_id 
_atom_site.label_comp_id 
_atom_site.label_asym_id 
_atom_site.label_entity_id 
_atom_site.label_seq_id 
_atom_site.pdbx_PDB_ins_code 
_atom_site.Cartn_x 
_atom_site.Cartn_y 
_atom_site.Cartn_z 
_atom_site.occupancy 
_atom_site.B_iso_or_equiv 
_atom_site.pdbx_formal_charge 
_atom_site.auth_seq_id 
_atom_site.auth_comp_id 
_atom_site.auth_asym_id 
_atom_site.auth_atom_id 
_atom_site.pdbx_PDB_model_num 
ATOM   1   N N    . PRO A 1 1 ? -2.40983 1.92483  2.08491  1.000 6.23924  ? 1   PRO A N    1 
ATOM   2   C CA   . PRO A 1 1 ? -3.48074 1.22901  2.80262  1.000 6.59485  ? 1   PRO A CA   1 
ATOM   3   C C    . PRO A 1 1 ? -4.59895 0.74908  1.89130  1.000 6.62640  ? 1   PRO A C    1 
ATOM   4   O O    . PRO A 1 1 ? -5.08111 1.51936  1.04405  1.000 6.93885  ? 1   PRO A O    1 
ATOM   5   C CB   . PRO A 1 1 ? -3.95962 2.25492  3.81033  1.000 7.72347  ? 1   PRO A CB   1 
ATOM   6   C CG   . PRO A 1 1 ? -2.71509 3.05823  4.09409  1.000 8.06685  ? 1   PRO A CG   1 
ATOM   7   C CD   . PRO A 1 1 ? -2.03968 3.18980  2.74079  1.000 7.15634  ? 1   PRO A CD   1 
ATOM   8   H HA   . PRO A 1 1 ? -3.09095 0.45867  3.28703  1.000 7.92985  ? 1   PRO A HA   1 
ATOM   9   H HB2  . PRO A 1 1 ? -4.66615 2.82208  3.43246  1.000 9.28419  ? 1   PRO A HB2  1 
ATOM   10  H HB3  . PRO A 1 1 ? -4.29467 1.82334  4.62447  1.000 9.28419  ? 1   PRO A HB3  1 
ATOM   11  H HG2  . PRO A 1 1 ? -2.94046 3.93760  4.45866  1.000 9.69624  ? 1   PRO A HG2  1 
ATOM   12  H HG3  . PRO A 1 1 ? -2.13476 2.59044  4.72879  1.000 9.69624  ? 1   PRO A HG3  1 
ATOM   13  H HD2  . PRO A 1 1 ? -2.37910 3.95844  2.24589  1.000 8.60363  ? 1   PRO A HD2  1 
ATOM   14  H HD3  . PRO A 1 1 ? -1.07431 3.27342  2.84570  1.000 8.60363  ? 1   PRO A HD3  1 
HETATM 15  N N    . DLY A 1 2 ? -5.00306 -0.50991 2.05681  1.000 7.39882  ? 2   DLY A N    1 
HETATM 16  C CA   . DLY A 1 2 ? -6.07713 -1.09639 1.27527  1.000 7.49220  ? 2   DLY A CA   1 
HETATM 17  C C    . DLY A 1 2 ? -5.67023 -1.47432 -0.13252 1.000 6.99005  ? 2   DLY A C    1 
HETATM 18  O O    . DLY A 1 2 ? -6.52044 -1.91912 -0.89236 1.000 8.49320  ? 2   DLY A O    1 
HETATM 19  C CB   . DLY A 1 2 ? -6.66037 -2.32139 1.98237  1.000 9.98080  ? 2   DLY A CB   1 
HETATM 20  C CG   . DLY A 1 2 ? -7.47556 -1.93788 3.20606  1.000 12.26078 ? 2   DLY A CG   1 
HETATM 21  C CD   . DLY A 1 2 ? -8.15954 -3.04046 3.95047  1.000 15.55260 ? 2   DLY A CD   1 
HETATM 22  C CE   . DLY A 1 2 ? -8.97108 -2.52885 5.13358  1.000 20.71898 ? 2   DLY A CE   1 
HETATM 23  N NZ   . DLY A 1 2 ? -9.21381 -3.56923 6.16952  1.000 22.99560 ? 2   DLY A NZ   1 
HETATM 24  H H    . DLY A 1 2 ? -4.54741 -1.08328 2.75335  1.000 8.89461  ? 2   DLY A H    1 
HETATM 25  H HA   . DLY A 1 2 ? -6.79230 -0.42139 1.20680  1.000 9.00666  ? 2   DLY A HA   1 
HETATM 26  H HB2  . DLY A 1 2 ? -5.92833 -2.91335 2.25529  1.000 11.99299 ? 2   DLY A HB2  1 
HETATM 27  H HB3  . DLY A 1 2 ? -7.23391 -2.81175 1.35778  1.000 11.99299 ? 2   DLY A HB3  1 
HETATM 28  H HG2  . DLY A 1 2 ? -8.15798 -1.29184 2.92413  1.000 14.72896 ? 2   DLY A HG2  1 
HETATM 29  H HG3  . DLY A 1 2 ? -6.88021 -1.47215 3.83112  1.000 14.72896 ? 2   DLY A HG3  1 
HETATM 30  H HD2  . DLY A 1 2 ? -7.49006 -3.67603 4.27359  1.000 18.67915 ? 2   DLY A HD2  1 
HETATM 31  H HD3  . DLY A 1 2 ? -8.75908 -3.51716 3.33665  1.000 18.67915 ? 2   DLY A HD3  1 
HETATM 32  H HE2  . DLY A 1 2 ? -9.83431 -2.20130 4.81348  1.000 24.87881 ? 2   DLY A HE2  1 
HETATM 33  H HE3  . DLY A 1 2 ? -8.50329 -1.77752 5.54667  1.000 24.87881 ? 2   DLY A HE3  1 
ATOM   34  N N    . VAL A 1 3 ? -4.37931 -1.32953 -0.45795 1.000 6.47281  ? 3   VAL A N    1 
ATOM   35  C CA   . VAL A 1 3 ? -3.89486 -1.52325 -1.82192 1.000 6.15897  ? 3   VAL A CA   1 
ATOM   36  C C    . VAL A 1 3 ? -2.63921 -2.38520 -1.82085 1.000 5.80842  ? 3   VAL A C    1 
ATOM   37  O O    . VAL A 1 3 ? -2.57453 -3.40548 -2.50698 1.000 7.11446  ? 3   VAL A O    1 
ATOM   38  C CB   . VAL A 1 3 ? -3.68936 -0.17583 -2.52579 1.000 6.02399  ? 3   VAL A CB   1 
ATOM   39  C CG1  . VAL A 1 3 ? -3.15744 -0.38014 -3.93190 1.000 7.07029  ? 3   VAL A CG1  1 
ATOM   40  C CG2  . VAL A 1 3 ? -4.98107 0.62864  -2.56059 1.000 6.93860  ? 3   VAL A CG2  1 
ATOM   41  H H    . VAL A 1 3 ? -3.71216 -1.09813 0.25954  1.000 7.78340  ? 3   VAL A H    1 
ATOM   42  H HA   . VAL A 1 3 ? -4.58046 -2.00878 -2.31371 1.000 7.40679  ? 3   VAL A HA   1 
ATOM   43  H HB   . VAL A 1 3 ? -3.02004 0.33596  -2.01211 1.000 7.24482  ? 3   VAL A HB   1 
ATOM   44  H HG11 . VAL A 1 3 ? -2.20998 -0.59628 -3.89462 1.000 8.50038  ? 3   VAL A HG11 1 
ATOM   45  H HG12 . VAL A 1 3 ? -3.28095 0.43510  -4.44904 1.000 8.50038  ? 3   VAL A HG12 1 
ATOM   46  H HG13 . VAL A 1 3 ? -3.63944 -1.10924 -4.35884 1.000 8.50038  ? 3   VAL A HG13 1 
ATOM   47  H HG21 . VAL A 1 3 ? -5.70690 0.06499  -2.87821 1.000 8.34234  ? 3   VAL A HG21 1 
ATOM   48  H HG22 . VAL A 1 3 ? -4.87620 1.38881  -3.15825 1.000 8.34234  ? 3   VAL A HG22 1 
ATOM   49  H HG23 . VAL A 1 3 ? -5.18819 0.94944  -1.66551 1.000 8.34234  ? 3   VAL A HG23 1 
HETATM 50  N N    . DGL A 1 4 ? -1.63131 -1.98020 -1.02673 1.000 5.92587  ? 4   DGL A N    1 
HETATM 51  C CA   . DGL A 1 4 ? -0.47435 -2.82166 -0.72539 1.000 5.71687  ? 4   DGL A CA   1 
HETATM 52  C C    . DGL A 1 4 ? 0.77330  -2.19193 -1.31598 1.000 5.32112  ? 4   DGL A C    1 
HETATM 53  O O    . DGL A 1 4 ? 1.12497  -1.04575 -0.97264 1.000 5.79963  ? 4   DGL A O    1 
HETATM 54  C CB   . DGL A 1 4 ? -0.32367 -2.92757 0.78745  1.000 6.39619  ? 4   DGL A CB   1 
HETATM 55  C CG   . DGL A 1 4 ? 0.83984  -3.80126 1.21659  1.000 7.11096  ? 4   DGL A CG   1 
HETATM 56  C CD   . DGL A 1 4 ? 0.58911  -5.27629 0.98842  1.000 8.07419  ? 4   DGL A CD   1 
HETATM 57  O OE1  . DGL A 1 4 ? -0.52610 -5.72087 1.23959  1.000 11.14964 ? 4   DGL A OE1  1 
HETATM 58  O OE2  . DGL A 1 4 ? 1.53379  -5.97489 0.54456  1.000 9.86506  ? 4   DGL A OE2  1 
HETATM 59  H H    . DGL A 1 4 ? -1.66558 -1.05314 -0.62993 1.000 7.12707  ? 4   DGL A H    1 
HETATM 60  H HA   . DGL A 1 4 ? -0.61220 -3.71554 -1.10637 1.000 6.87627  ? 4   DGL A HA   1 
HETATM 61  H HB2  . DGL A 1 4 ? -1.15330 -3.29274 1.16012  1.000 7.69145  ? 4   DGL A HB2  1 
HETATM 62  H HB3  . DGL A 1 4 ? -0.20096 -2.02800 1.15409  1.000 7.69145  ? 4   DGL A HB3  1 
HETATM 63  H HG2  . DGL A 1 4 ? 1.01466  -3.65725 2.17120  1.000 8.54918  ? 4   DGL A HG2  1 
HETATM 64  H HG3  . DGL A 1 4 ? 1.64531  -3.53777 0.72358  1.000 8.54918  ? 4   DGL A HG3  1 
HETATM 65  N N    . DPR A 1 5 ? 1.51852  -2.89278 -2.19102 1.000 5.29435  ? 5   DPR A N    1 
HETATM 66  C CA   . DPR A 1 5 ? 2.75226  -2.32563 -2.75299 1.000 5.83643  ? 5   DPR A CA   1 
HETATM 67  C CB   . DPR A 1 5 ? 3.32824  -3.50325 -3.56449 1.000 6.24719  ? 5   DPR A CB   1 
HETATM 68  C CG   . DPR A 1 5 ? 2.12018  -4.30899 -3.95613 1.000 6.76537  ? 5   DPR A CG   1 
HETATM 69  C CD   . DPR A 1 5 ? 1.19619  -4.22357 -2.76625 1.000 5.91788  ? 5   DPR A CD   1 
HETATM 70  C C    . DPR A 1 5 ? 3.72121  -1.86467 -1.67669 1.000 5.25681  ? 5   DPR A C    1 
HETATM 71  O O    . DPR A 1 5 ? 4.04189  -2.60539 -0.74731 1.000 5.90831  ? 5   DPR A O    1 
HETATM 72  H HA   . DPR A 1 5 ? 2.52580  -1.57969 -3.36220 1.000 7.01974  ? 5   DPR A HA   1 
HETATM 73  H HB2  . DPR A 1 5 ? 3.94282  -4.04003 -3.01962 1.000 7.51266  ? 5   DPR A HB2  1 
HETATM 74  H HB3  . DPR A 1 5 ? 3.80626  -3.18216 -4.35955 1.000 7.51266  ? 5   DPR A HB3  1 
HETATM 75  H HG2  . DPR A 1 5 ? 2.36518  -5.23909 -4.13667 1.000 8.13448  ? 5   DPR A HG2  1 
HETATM 76  H HG3  . DPR A 1 5 ? 1.69572  -3.93314 -4.75371 1.000 8.13448  ? 5   DPR A HG3  1 
HETATM 77  H HD2  . DPR A 1 5 ? 0.26266  -4.27052 -3.04334 1.000 7.11748  ? 5   DPR A HD2  1 
HETATM 78  H HD3  . DPR A 1 5 ? 1.37656  -4.93652 -2.12597 1.000 7.11748  ? 5   DPR A HD3  1 
ATOM   79  N N    . LYS A 1 6 ? 4.22965  -0.63294 -1.82997 1.000 5.26925  ? 6   LYS A N    1 
ATOM   80  C CA   A LYS A 1 6 ? 5.21947  -0.11933 -0.87626 0.600 5.60569  ? 6   LYS A CA   1 
ATOM   81  C CA   B LYS A 1 6 ? 5.21837  -0.14598 -0.87010 0.400 5.85342  ? 6   LYS A CA   1 
ATOM   82  C C    . LYS A 1 6 ? 4.59377  0.50514  0.35624  1.000 5.47516  ? 6   LYS A C    1 
ATOM   83  O O    . LYS A 1 6 ? 5.33888  1.01802  1.19625  1.000 6.90893  ? 6   LYS A O    1 
ATOM   84  C CB   A LYS A 1 6 ? 6.31390  0.71902  -1.44771 0.600 7.09311  ? 6   LYS A CB   1 
ATOM   85  C CB   B LYS A 1 6 ? 6.30603  0.68003  -1.49225 0.400 7.36652  ? 6   LYS A CB   1 
ATOM   86  C CG   A LYS A 1 6 ? 5.87344  1.89958  -2.23449 0.600 7.94686  ? 6   LYS A CG   1 
ATOM   87  C CG   B LYS A 1 6 ? 5.84787  1.93316  -2.16318 0.400 8.43029  ? 6   LYS A CG   1 
ATOM   88  C CD   A LYS A 1 6 ? 7.09674  2.75676  -2.61571 0.600 8.51399  ? 6   LYS A CD   1 
ATOM   89  C CD   B LYS A 1 6 ? 7.05200  2.69685  -2.71736 0.400 10.02366 ? 6   LYS A CD   1 
ATOM   90  C CE   A LYS A 1 6 ? 6.79665  3.93915  -3.48230 0.600 8.62580  ? 6   LYS A CE   1 
ATOM   91  C CE   B LYS A 1 6 ? 6.74161  3.99494  -3.42165 0.400 12.71456 ? 6   LYS A CE   1 
ATOM   92  N NZ   A LYS A 1 6 ? 6.72632  3.56576  -4.91896 0.600 8.89279  ? 6   LYS A NZ   1 
ATOM   93  N NZ   B LYS A 1 6 ? 5.57150  3.95152  -4.34476 0.400 15.66167 ? 6   LYS A NZ   1 
ATOM   94  H H    . LYS A 1 6 ? 3.93479  -0.04369 -2.59318 1.000 6.33913  ? 6   LYS A H    1 
ATOM   95  H HA   . LYS A 1 6 ? 5.67172  -0.93899 -0.53794 1.000 7.04014  ? 6   LYS A HA   1 
ATOM   96  H HB2  A LYS A 1 6 ? 6.88491  1.03001  -0.71468 0.600 8.52776  ? 6   LYS A HB2  1 
ATOM   97  H HB2  B LYS A 1 6 ? 6.95212  0.91827  -0.79515 0.400 8.85585  ? 6   LYS A HB2  1 
ATOM   98  H HB3  A LYS A 1 6 ? 6.86138  0.15148  -2.02776 0.600 8.52776  ? 6   LYS A HB3  1 
ATOM   99  H HB3  B LYS A 1 6 ? 6.77215  0.12670  -2.15226 0.400 8.85585  ? 6   LYS A HB3  1 
ATOM   100 H HG2  A LYS A 1 6 ? 5.41473  1.60033  -3.04669 0.600 9.55226  ? 6   LYS A HG2  1 
ATOM   101 H HG2  B LYS A 1 6 ? 5.23711  1.70931  -2.89610 0.400 10.13238 ? 6   LYS A HG2  1 
ATOM   102 H HG3  A LYS A 1 6 ? 5.24710  2.43510  -1.70117 0.600 9.55226  ? 6   LYS A HG3  1 
ATOM   103 H HG3  B LYS A 1 6 ? 5.36897  2.49599  -1.51842 0.400 10.13238 ? 6   LYS A HG3  1 
ATOM   104 H HD2  A LYS A 1 6 ? 7.52254  3.07515  -1.79317 0.600 10.23281 ? 6   LYS A HD2  1 
ATOM   105 H HD2  B LYS A 1 6 ? 7.66446  2.88946  -1.97496 0.400 12.04442 ? 6   LYS A HD2  1 
ATOM   106 H HD3  A LYS A 1 6 ? 7.74486  2.18583  -3.08079 0.600 10.23281 ? 6   LYS A HD3  1 
ATOM   107 H HD3  B LYS A 1 6 ? 7.52785  2.11241  -3.34430 0.400 12.04442 ? 6   LYS A HD3  1 
ATOM   108 H HE2  A LYS A 1 6 ? 5.94396  4.33425  -3.21140 0.600 10.36698 ? 6   LYS A HE2  1 
ATOM   109 H HE2  B LYS A 1 6 ? 6.57662  4.68472  -2.75152 0.400 15.27351 ? 6   LYS A HE2  1 
ATOM   110 H HE3  A LYS A 1 6 ? 7.49605  4.61682  -3.36549 0.600 10.36698 ? 6   LYS A HE3  1 
ATOM   111 H HE3  B LYS A 1 6 ? 7.52587  4.26847  -3.93411 0.400 15.27351 ? 6   LYS A HE3  1 
HETATM 112 N N    . DVA A 1 7 ? 3.28070  0.38715  0.51483  1.000 5.31026  ? 7   DVA A N    1 
HETATM 113 C CA   . DVA A 1 7 ? 2.63346  0.67434  1.78517  1.000 5.97606  ? 7   DVA A CA   1 
HETATM 114 C CB   . DVA A 1 7 ? 2.23077  -0.65489 2.46596  1.000 7.84087  ? 7   DVA A CB   1 
HETATM 115 C CG1  . DVA A 1 7 ? 3.46772  -1.49758 2.76080  1.000 9.30839  ? 7   DVA A CG1  1 
HETATM 116 C CG2  . DVA A 1 7 ? 1.41176  -0.43380 3.70984  1.000 10.99995 ? 7   DVA A CG2  1 
HETATM 117 C C    . DVA A 1 7 ? 1.44402  1.59647  1.60529  1.000 5.85633  ? 7   DVA A C    1 
HETATM 118 O O    . DVA A 1 7 ? 1.29163  2.56198  2.35039  1.000 7.45549  ? 7   DVA A O    1 
HETATM 119 H H    . DVA A 1 7 ? 2.70855  0.10528  -0.26372 1.000 6.38835  ? 7   DVA A H    1 
HETATM 120 H HA   . DVA A 1 7 ? 3.27700  1.12471  2.36084  1.000 7.18729  ? 7   DVA A HA   1 
HETATM 121 H HB   . DVA A 1 7 ? 1.67413  -1.15615 1.82402  1.000 9.42508  ? 7   DVA A HB   1 
HETATM 122 H HG11 . DVA A 1 7 ? 3.21742  -2.26308 3.30607  1.000 11.18610 ? 7   DVA A HG11 1 
HETATM 123 H HG12 . DVA A 1 7 ? 4.12141  -0.95922 3.23887  1.000 11.18610 ? 7   DVA A HG12 1 
HETATM 124 H HG13 . DVA A 1 7 ? 3.85491  -1.81020 1.92542  1.000 11.18610 ? 7   DVA A HG13 1 
HETATM 125 H HG21 . DVA A 1 7 ? 1.47113  -1.21778 4.28418  1.000 13.21597 ? 7   DVA A HG21 1 
HETATM 126 H HG22 . DVA A 1 7 ? 0.48203  -0.28427 3.46537  1.000 13.21597 ? 7   DVA A HG22 1 
HETATM 127 H HG23 . DVA A 1 7 ? 1.74951  0.34314  4.18869  1.000 13.21597 ? 7   DVA A HG23 1 
ATOM   128 N N    . GLU A 1 8 ? 0.57508  1.27309  0.64300  1.000 6.26022  ? 8   GLU A N    1 
ATOM   129 C CA   A GLU A 1 8 ? -0.63015 2.02590  0.36729  0.500 6.05347  ? 8   GLU A CA   1 
ATOM   130 C CA   B GLU A 1 8 ? -0.63201 2.06068  0.42386  0.250 6.43007  ? 8   GLU A CA   1 
ATOM   131 C CA   C GLU A 1 8 ? -0.63433 2.04232  0.39244  0.250 6.85740  ? 8   GLU A CA   1 
ATOM   132 C C    . GLU A 1 8 ? -1.80309 1.32407  1.06323  1.000 5.63941  ? 8   GLU A C    1 
ATOM   133 O O    . GLU A 1 8 ? -2.15448 0.21369  0.67645  1.000 6.34261  ? 8   GLU A O    1 
ATOM   134 C CB   A GLU A 1 8 ? -0.81907 2.05529  -1.14956 0.500 6.79535  ? 8   GLU A CB   1 
ATOM   135 C CB   B GLU A 1 8 ? -0.95975 2.31508  -1.04576 0.250 7.64469  ? 8   GLU A CB   1 
ATOM   136 C CB   C GLU A 1 8 ? -0.89480 2.20147  -1.10700 0.250 9.08299  ? 8   GLU A CB   1 
ATOM   137 C CG   A GLU A 1 8 ? -1.94976 2.92998  -1.57725 0.500 8.25085  ? 8   GLU A CG   1 
ATOM   138 C CG   B GLU A 1 8 ? 0.12785  3.05459  -1.77300 0.250 9.44578  ? 8   GLU A CG   1 
ATOM   139 C CG   C GLU A 1 8 ? -0.18934 3.39911  -1.69333 0.250 10.79977 ? 8   GLU A CG   1 
ATOM   140 C CD   A GLU A 1 8 ? -1.60600 4.38053  -1.37538 0.500 12.03059 ? 8   GLU A CD   1 
ATOM   141 C CD   B GLU A 1 8 ? 0.70304  4.29088  -1.09353 0.250 11.76228 ? 8   GLU A CD   1 
ATOM   142 C CD   C GLU A 1 8 ? -0.65553 4.74657  -1.16842 0.250 13.15837 ? 8   GLU A CD   1 
ATOM   143 O OE1  A GLU A 1 8 ? -0.56533 4.82646  -1.93064 0.500 15.73712 ? 8   GLU A OE1  1 
ATOM   144 O OE1  B GLU A 1 8 ? 1.89251  4.50688  -1.23487 0.250 14.15223 ? 8   GLU A OE1  1 
ATOM   145 O OE1  C GLU A 1 8 ? -1.82660 4.83655  -0.71449 0.250 14.82930 ? 8   GLU A OE1  1 
ATOM   146 O OE2  A GLU A 1 8 ? -2.36815 5.06607  -0.73374 0.500 13.04806 ? 8   GLU A OE2  1 
ATOM   147 O OE2  B GLU A 1 8 ? -0.05752 5.01058  -0.43291 0.250 11.73956 ? 8   GLU A OE2  1 
ATOM   148 O OE2  C GLU A 1 8 ? 0.12560  5.71243  -1.28886 0.250 15.44156 ? 8   GLU A OE2  1 
ATOM   149 H H    . GLU A 1 8 ? 0.75510  0.46020  0.07404  1.000 7.52830  ? 8   GLU A H    1 
ATOM   150 H HA   A GLU A 1 8 ? -0.53332 2.94328  0.70751  0.500 7.28019  ? 8   GLU A HA   1 
ATOM   151 H HA   B GLU A 1 8 ? -0.52018 2.92861  0.86683  0.250 7.73211  ? 8   GLU A HA   1 
ATOM   152 H HA   C GLU A 1 8 ? -0.52974 2.93404  0.79007  0.250 8.24491  ? 8   GLU A HA   1 
ATOM   153 H HB2  A GLU A 1 8 ? 0.00926  2.37838  -1.56272 0.500 8.17045  ? 8   GLU A HB2  1 
ATOM   154 H HB2  B GLU A 1 8 ? -1.11058 1.45480  -1.48741 0.250 9.18966  ? 8   GLU A HB2  1 
ATOM   155 H HB2  C GLU A 1 8 ? -0.59402 1.39181  -1.57000 0.250 10.91561 ? 8   GLU A HB2  1 
ATOM   156 H HB3  A GLU A 1 8 ? -0.97875 1.14326  -1.46667 0.500 8.17045  ? 8   GLU A HB3  1 
ATOM   157 H HB3  B GLU A 1 8 ? -1.78952 2.83368  -1.09896 0.250 9.18966  ? 8   GLU A HB3  1 
ATOM   158 H HB3  C GLU A 1 8 ? -1.86035 2.29471  -1.25333 0.250 10.91561 ? 8   GLU A HB3  1 
ATOM   159 H HG2  A GLU A 1 8 ? -2.14594 2.77490  -2.52499 0.500 9.91705  ? 8   GLU A HG2  1 
ATOM   160 H HG2  B GLU A 1 8 ? 0.86746  2.43053  -1.93815 0.250 11.35097 ? 8   GLU A HG2  1 
ATOM   161 H HG2  C GLU A 1 8 ? 0.77184  3.31578  -1.51564 0.250 12.97575 ? 8   GLU A HG2  1 
ATOM   162 H HG3  A GLU A 1 8 ? -2.75273 2.71292  -1.05865 0.500 9.91705  ? 8   GLU A HG3  1 
ATOM   163 H HG3  B GLU A 1 8 ? -0.21745 3.32677  -2.64994 0.250 11.35097 ? 8   GLU A HG3  1 
ATOM   164 H HG3  C GLU A 1 8 ? -0.30964 3.39016  -2.66689 0.250 12.97575 ? 8   GLU A HG3  1 
HETATM 165 O O    . HOH B 2 . ? 2.88756  6.62343  -0.95153 0.800 40.03108 ? 101 HOH A O    1 
HETATM 166 O O    . HOH B 2 . ? 2.91213  3.56833  -3.27603 1.000 23.28530 ? 102 HOH A O    1 
HETATM 167 O O    . HOH B 2 . ? -4.49137 4.15939  0.35654  1.000 16.49635 ? 103 HOH A O    1 
HETATM 168 O O    . HOH B 2 . ? 3.89838  -5.40294 -0.41729 1.000 7.97340  ? 104 HOH A O    1 
HETATM 169 O O    . HOH B 2 . ? 7.60063  1.77120  2.40710  1.000 17.08839 ? 105 HOH A O    1 
HETATM 170 O O    . HOH B 2 . ? -1.88300 -4.79831 3.44628  1.000 14.63737 ? 106 HOH A O    1 
HETATM 171 O O    . HOH B 2 . ? -2.29556 -6.14126 -2.99391 1.000 18.98350 ? 107 HOH A O    1 
HETATM 172 O O    . HOH B 2 . ? -3.69614 -2.82838 3.57729  1.000 19.37651 ? 108 HOH A O    1 
HETATM 173 O O    . HOH B 2 . ? 9.85052  0.19377  2.51308  1.000 23.25236 ? 109 HOH A O    1 
# 
loop_
_atom_site_anisotrop.id 
_atom_site_anisotrop.type_symbol 
_atom_site_anisotrop.pdbx_label_atom_id 
_atom_site_anisotrop.pdbx_label_alt_id 
_atom_site_anisotrop.pdbx_label_comp_id 
_atom_site_anisotrop.pdbx_label_asym_id 
_atom_site_anisotrop.pdbx_label_seq_id 
_atom_site_anisotrop.pdbx_PDB_ins_code 
_atom_site_anisotrop.U[1][1] 
_atom_site_anisotrop.U[2][2] 
_atom_site_anisotrop.U[3][3] 
_atom_site_anisotrop.U[1][2] 
_atom_site_anisotrop.U[1][3] 
_atom_site_anisotrop.U[2][3] 
_atom_site_anisotrop.pdbx_auth_seq_id 
_atom_site_anisotrop.pdbx_auth_comp_id 
_atom_site_anisotrop.pdbx_auth_asym_id 
_atom_site_anisotrop.pdbx_auth_atom_id 
1   N N   . PRO A 1 ? 0.06953 0.09202 0.07551 -0.00201 -0.00795 -0.01177 1   PRO A N   
2   C CA  . PRO A 1 ? 0.05678 0.11247 0.08132 -0.00574 0.00533  0.01452  1   PRO A CA  
3   C C   . PRO A 1 ? 0.05649 0.11087 0.08442 -0.00342 0.00468  0.01485  1   PRO A C   
4   O O   . PRO A 1 ? 0.07269 0.10052 0.09044 -0.00475 -0.00675 0.01979  1   PRO A O   
5   C CB  . PRO A 1 ? 0.07112 0.13860 0.08375 -0.00293 0.00506  0.00355  1   PRO A CB  
6   C CG  . PRO A 1 ? 0.09301 0.13256 0.08094 0.00063  0.00418  -0.00875 1   PRO A CG  
7   C CD  . PRO A 1 ? 0.07239 0.10156 0.09797 0.00434  -0.00802 -0.00457 1   PRO A CD  
15  N N   . DLY A 2 ? 0.06872 0.11018 0.10223 -0.01003 0.00687  0.03978  2   DLY A N   
16  C CA  . DLY A 2 ? 0.06602 0.10791 0.11073 -0.01780 -0.00386 0.03649  2   DLY A CA  
17  C C   . DLY A 2 ? 0.06360 0.08533 0.11666 -0.01598 -0.01294 0.03664  2   DLY A C   
18  O O   . DLY A 2 ? 0.05816 0.12079 0.14375 -0.03209 -0.01216 0.03688  2   DLY A O   
19  C CB  . DLY A 2 ? 0.10496 0.12503 0.14924 -0.03864 0.02582  0.04328  2   DLY A CB  
20  C CG  . DLY A 2 ? 0.14572 0.15148 0.16866 -0.06574 0.03723  0.03734  2   DLY A CG  
21  C CD  . DLY A 2 ? 0.19330 0.19017 0.20746 -0.09409 0.04931  0.03404  2   DLY A CD  
22  C CE  . DLY A 2 ? 0.29905 0.22439 0.26378 -0.13681 0.05418  0.02517  2   DLY A CE  
23  N NZ  . DLY A 2 ? 0.39853 0.24119 0.23400 -0.16396 0.01512  -0.00260 2   DLY A NZ  
34  N N   . VAL A 3 ? 0.05134 0.08754 0.10707 -0.01987 -0.00414 0.03015  3   VAL A N   
35  C CA  . VAL A 3 ? 0.07601 0.07600 0.08200 -0.02273 -0.00444 0.00905  3   VAL A CA  
36  C C   . VAL A 3 ? 0.07266 0.05395 0.09409 -0.01520 -0.00670 0.00919  3   VAL A C   
37  O O   . VAL A 3 ? 0.09174 0.06997 0.10861 -0.01381 -0.02037 -0.00473 3   VAL A O   
38  C CB  . VAL A 3 ? 0.07082 0.06915 0.08891 -0.00942 -0.00029 0.00722  3   VAL A CB  
39  C CG1 . VAL A 3 ? 0.09205 0.07290 0.10369 -0.01094 0.01167  0.00262  3   VAL A CG1 
40  C CG2 . VAL A 3 ? 0.07919 0.08931 0.09514 -0.00496 -0.00134 0.01981  3   VAL A CG2 
50  N N   . DGL A 4 ? 0.06274 0.05677 0.10566 -0.01815 -0.00378 0.00026  4   DGL A N   
51  C CA  . DGL A 4 ? 0.06839 0.05817 0.09066 -0.01719 -0.00390 0.00162  4   DGL A CA  
52  C C   . DGL A 4 ? 0.05995 0.05761 0.08462 -0.01411 -0.01203 0.00671  4   DGL A C   
53  O O   . DGL A 4 ? 0.06782 0.05845 0.09409 -0.01821 -0.00001 -0.00040 4   DGL A O   
54  C CB  . DGL A 4 ? 0.07096 0.07293 0.09913 -0.02053 -0.00022 0.01338  4   DGL A CB  
55  C CG  . DGL A 4 ? 0.08268 0.08193 0.10557 -0.02793 -0.01014 0.02754  4   DGL A CG  
56  C CD  . DGL A 4 ? 0.08199 0.07826 0.14653 -0.02496 -0.00527 0.02091  4   DGL A CD  
57  O OE1 . DGL A 4 ? 0.09715 0.09052 0.23597 -0.02896 0.02206  0.01807  4   DGL A OE1 
58  O OE2 . DGL A 4 ? 0.09240 0.07615 0.20628 -0.01333 -0.00841 0.00196  4   DGL A OE2 
65  N N   . DPR A 5 ? 0.06481 0.05838 0.07799 -0.01237 -0.01094 0.00531  5   DPR A N   
66  C CA  . DPR A 5 ? 0.07476 0.05944 0.08756 -0.01190 0.00010  0.00948  5   DPR A CA  
67  C CB  . DPR A 5 ? 0.07638 0.07482 0.08617 -0.01092 -0.00242 -0.00240 5   DPR A CB  
68  C CG  . DPR A 5 ? 0.08355 0.07245 0.10106 -0.00822 -0.01366 0.00079  5   DPR A CG  
69  C CD  . DPR A 5 ? 0.06802 0.06689 0.08994 -0.00995 -0.01267 0.00280  5   DPR A CD  
70  C C   . DPR A 5 ? 0.05665 0.06308 0.08000 -0.01079 -0.00039 0.00444  5   DPR A C   
71  O O   . DPR A 5 ? 0.06958 0.06311 0.09180 -0.01269 -0.01458 0.01035  5   DPR A O   
79  N N   . LYS A 6 ? 0.06153 0.05963 0.07905 -0.01315 0.00001  0.00646  6   LYS A N   
80  C CA  A LYS A 6 ? 0.05451 0.06820 0.09028 -0.01812 -0.01026 0.00155  6   LYS A CA  
81  C CA  B LYS A 6 ? 0.06064 0.07223 0.08952 -0.02133 -0.01082 0.00339  6   LYS A CA  
82  C C   . LYS A 6 ? 0.06791 0.06160 0.07851 -0.02169 -0.00158 0.00364  6   LYS A C   
83  O O   . LYS A 6 ? 0.07374 0.10211 0.08666 -0.03538 -0.00922 0.00056  6   LYS A O   
84  C CB  A LYS A 6 ? 0.06955 0.09682 0.10313 -0.03717 0.00239  0.00113  6   LYS A CB  
85  C CB  B LYS A 6 ? 0.08368 0.09498 0.10123 -0.03282 -0.00776 -0.00343 6   LYS A CB  
86  C CG  A LYS A 6 ? 0.09409 0.09538 0.11247 -0.02923 -0.00869 -0.00321 6   LYS A CG  
87  C CG  B LYS A 6 ? 0.11841 0.10011 0.10178 -0.02747 -0.01870 -0.00706 6   LYS A CG  
88  C CD  A LYS A 6 ? 0.11214 0.10236 0.10901 -0.05150 -0.01225 0.01248  6   LYS A CD  
89  C CD  B LYS A 6 ? 0.13663 0.11063 0.13359 -0.03272 -0.02467 0.00286  6   LYS A CD  
90  C CE  A LYS A 6 ? 0.11544 0.09588 0.11641 -0.04968 -0.00881 0.01928  6   LYS A CE  
91  C CE  B LYS A 6 ? 0.16216 0.13098 0.18996 -0.04808 -0.03594 0.01635  6   LYS A CE  
92  N NZ  A LYS A 6 ? 0.14644 0.11817 0.07328 -0.07703 -0.02134 0.01704  6   LYS A NZ  
93  N NZ  B LYS A 6 ? 0.21138 0.17339 0.21030 -0.09596 -0.06402 0.03911  6   LYS A NZ  
112 N N   . DVA A 7 ? 0.05287 0.07130 0.07761 -0.02082 -0.00040 -0.00670 7   DVA A N   
113 C CA  . DVA A 7 ? 0.07378 0.07833 0.07496 -0.02580 -0.00005 -0.00113 7   DVA A CA  
114 C CB  . DVA A 7 ? 0.11073 0.09394 0.09324 -0.02408 0.01153  0.00870  7   DVA A CB  
115 C CG1 . DVA A 7 ? 0.14918 0.09650 0.10800 -0.03790 -0.01797 0.02902  7   DVA A CG1 
116 C CG2 . DVA A 7 ? 0.16638 0.12312 0.12844 -0.03602 0.05696  0.03109  7   DVA A CG2 
117 C C   . DVA A 7 ? 0.06398 0.07321 0.08532 -0.01829 0.00994  -0.01417 7   DVA A C   
118 O O   . DVA A 7 ? 0.08072 0.09780 0.10476 -0.01613 0.00307  -0.03036 7   DVA A O   
128 N N   . GLU A 8 ? 0.06499 0.08529 0.08758 -0.01958 0.00327  -0.01622 8   GLU A N   
129 C CA  A GLU A 8 ? 0.07802 0.07542 0.07656 -0.01445 0.00050  0.00176  8   GLU A CA  
130 C CA  B GLU A 8 ? 0.08234 0.07403 0.08795 -0.01049 0.00499  -0.00697 8   GLU A CA  
131 C CA  C GLU A 8 ? 0.08882 0.08510 0.08662 -0.01970 -0.00051 -0.00227 8   GLU A CA  
132 C C   . GLU A 8 ? 0.06393 0.06961 0.08074 -0.00707 -0.00012 0.00677  8   GLU A C   
133 O O   . GLU A 8 ? 0.06204 0.07544 0.10351 -0.01728 0.01204  -0.00710 8   GLU A O   
134 C CB  A GLU A 8 ? 0.09400 0.09157 0.07261 -0.03684 -0.00536 0.01316  8   GLU A CB  
135 C CB  B GLU A 8 ? 0.10351 0.07370 0.11325 -0.01176 0.01245  -0.01042 8   GLU A CB  
136 C CB  C GLU A 8 ? 0.14249 0.10661 0.09602 -0.04009 0.00296  -0.00204 8   GLU A CB  
137 C CG  A GLU A 8 ? 0.12230 0.10219 0.08900 -0.02911 -0.01551 0.02655  8   GLU A CG  
138 C CG  B GLU A 8 ? 0.13711 0.09659 0.12519 -0.03049 0.01780  -0.00575 8   GLU A CG  
139 C CG  C GLU A 8 ? 0.17530 0.12046 0.11458 -0.05038 0.01674  0.00736  8   GLU A CG  
140 C CD  A GLU A 8 ? 0.16241 0.11529 0.17941 -0.04323 -0.00442 0.03978  8   GLU A CD  
141 C CD  B GLU A 8 ? 0.16364 0.11052 0.17276 -0.04519 0.04019  -0.00760 8   GLU A CD  
142 C CD  C GLU A 8 ? 0.21261 0.09960 0.18775 -0.04451 0.02287  0.01807  8   GLU A CD  
143 O OE1 A GLU A 8 ? 0.23218 0.13088 0.23488 -0.07841 0.01847  0.02963  8   GLU A OE1 
144 O OE1 B GLU A 8 ? 0.19042 0.14198 0.20532 -0.06664 0.03618  -0.04963 8   GLU A OE1 
145 O OE1 C GLU A 8 ? 0.23371 0.08789 0.24185 -0.03045 0.07306  -0.00933 8   GLU A OE1 
146 O OE2 A GLU A 8 ? 0.16929 0.10305 0.22342 -0.01881 0.01872  0.01078  8   GLU A OE2 
147 O OE2 B GLU A 8 ? 0.15882 0.09255 0.19468 -0.03393 0.05880  0.02623  8   GLU A OE2 
148 O OE2 C GLU A 8 ? 0.21714 0.09723 0.27234 -0.04372 0.00616  0.01163  8   GLU A OE2 
165 O O   . HOH B . ? 0.30451 0.88433 0.33215 -0.13062 0.06196  -0.10006 101 HOH A O   
166 O O   . HOH B . ? 0.37167 0.18294 0.33013 0.07259  -0.20053 -0.04991 102 HOH A O   
167 O O   . HOH B . ? 0.17830 0.17987 0.26863 -0.07121 -0.11165 0.10146  103 HOH A O   
168 O O   . HOH B . ? 0.08501 0.07880 0.13915 -0.02239 -0.03546 0.02456  104 HOH A O   
169 O O   . HOH B . ? 0.19611 0.19915 0.25402 -0.09118 -0.10201 0.06689  105 HOH A O   
170 O O   . HOH B . ? 0.20878 0.20777 0.13960 -0.08290 -0.01632 0.03428  106 HOH A O   
171 O O   . HOH B . ? 0.27309 0.12305 0.32515 -0.04400 0.10779  -0.04915 107 HOH A O   
172 O O   . HOH B . ? 0.23184 0.32078 0.18361 0.05034  -0.04664 0.04347  108 HOH A O   
173 O O   . HOH B . ? 0.21558 0.32165 0.34626 -0.08581 0.00997  -0.10377 109 HOH A O   
# 
